data_1CFZ
#
_entry.id   1CFZ
#
_cell.length_a   128.000
_cell.length_b   128.000
_cell.length_c   139.700
_cell.angle_alpha   90.00
_cell.angle_beta   90.00
_cell.angle_gamma   120.00
#
_symmetry.space_group_name_H-M   'P 32 1 2'
#
loop_
_entity.id
_entity.type
_entity.pdbx_description
1 polymer 'HYDROGENASE 2 MATURATION PROTEASE'
2 non-polymer 'CADMIUM ION'
3 water water
#
_entity_poly.entity_id   1
_entity_poly.type   'polypeptide(L)'
_entity_poly.pdbx_seq_one_letter_code
;MRILVLGVGNILLTDEAIGVRIVEALEQRYILPDYVEILDGGTAGMELLGDMANRDHLIIADAIVSKKNAPGTMMILRDE
EVPALFTNKISPHQLGLADVLSALRFTGEFPKKLTLVGVIPESLEPHIGLTPTVEAMIEPALEQVLAALRESGVEAIPRS
DS
;
_entity_poly.pdbx_strand_id   A,B,C,D,E,F
#
loop_
_chem_comp.id
_chem_comp.type
_chem_comp.name
_chem_comp.formula
CD non-polymer 'CADMIUM ION' 'Cd 2'
#
# COMPACT_ATOMS: atom_id res chain seq x y z
N MET A 1 10.24 -25.46 21.87
CA MET A 1 9.56 -25.19 20.57
C MET A 1 10.45 -24.30 19.72
N ARG A 2 10.80 -24.75 18.52
CA ARG A 2 11.63 -23.89 17.65
C ARG A 2 10.87 -23.58 16.36
N ILE A 3 10.69 -22.29 16.09
CA ILE A 3 9.96 -21.82 14.94
C ILE A 3 10.76 -20.81 14.14
N LEU A 4 10.79 -20.97 12.80
CA LEU A 4 11.48 -19.97 11.98
C LEU A 4 10.51 -19.41 10.96
N VAL A 5 10.44 -18.11 10.87
CA VAL A 5 9.67 -17.42 9.82
C VAL A 5 10.68 -16.87 8.81
N LEU A 6 10.83 -17.49 7.65
CA LEU A 6 11.81 -17.13 6.65
C LEU A 6 11.23 -16.33 5.50
N GLY A 7 11.64 -15.12 5.32
CA GLY A 7 11.17 -14.31 4.18
C GLY A 7 12.30 -14.48 3.12
N VAL A 8 12.00 -14.82 1.90
CA VAL A 8 13.02 -15.00 0.84
C VAL A 8 12.63 -14.20 -0.38
N GLY A 9 13.56 -13.88 -1.27
CA GLY A 9 13.22 -13.09 -2.44
C GLY A 9 14.30 -12.01 -2.71
N ASN A 10 14.00 -11.14 -3.68
CA ASN A 10 14.91 -10.09 -4.06
C ASN A 10 14.16 -8.79 -4.17
N ILE A 11 14.58 -7.85 -3.34
CA ILE A 11 14.02 -6.50 -3.30
C ILE A 11 14.23 -5.72 -4.57
N LEU A 12 15.29 -6.05 -5.31
CA LEU A 12 15.56 -5.35 -6.58
C LEU A 12 14.67 -5.76 -7.73
N LEU A 13 13.87 -6.82 -7.60
CA LEU A 13 13.04 -7.27 -8.71
C LEU A 13 11.55 -7.06 -8.55
N THR A 14 11.12 -5.82 -8.29
CA THR A 14 9.68 -5.57 -8.15
C THR A 14 8.96 -6.56 -7.25
N ASP A 15 7.99 -7.33 -7.68
CA ASP A 15 7.17 -8.22 -6.89
C ASP A 15 7.84 -9.44 -6.31
N GLU A 16 9.09 -9.71 -6.68
CA GLU A 16 9.90 -10.76 -6.13
C GLU A 16 10.43 -10.36 -4.76
N ALA A 17 10.17 -9.14 -4.30
CA ALA A 17 10.41 -8.71 -2.95
C ALA A 17 9.30 -9.13 -1.97
N ILE A 18 8.17 -9.66 -2.39
CA ILE A 18 7.00 -9.90 -1.55
C ILE A 18 7.30 -10.68 -0.28
N GLY A 19 8.12 -11.72 -0.37
CA GLY A 19 8.48 -12.52 0.78
C GLY A 19 9.21 -11.75 1.87
N VAL A 20 10.12 -10.86 1.45
CA VAL A 20 10.95 -10.10 2.34
C VAL A 20 10.09 -9.02 3.00
N ARG A 21 9.20 -8.40 2.24
CA ARG A 21 8.34 -7.35 2.75
C ARG A 21 7.31 -7.91 3.76
N ILE A 22 6.88 -9.15 3.58
CA ILE A 22 5.93 -9.79 4.46
C ILE A 22 6.54 -9.93 5.86
N VAL A 23 7.74 -10.46 5.93
CA VAL A 23 8.49 -10.74 7.13
C VAL A 23 8.94 -9.43 7.79
N GLU A 24 9.18 -8.37 7.02
CA GLU A 24 9.52 -7.08 7.57
C GLU A 24 8.28 -6.50 8.26
N ALA A 25 7.11 -6.59 7.64
CA ALA A 25 5.87 -6.14 8.25
C ALA A 25 5.56 -6.91 9.51
N LEU A 26 5.71 -8.23 9.56
CA LEU A 26 5.51 -9.02 10.76
C LEU A 26 6.32 -8.45 11.94
N GLU A 27 7.63 -8.32 11.71
CA GLU A 27 8.59 -7.90 12.73
C GLU A 27 8.26 -6.51 13.25
N GLN A 28 7.82 -5.62 12.40
CA GLN A 28 7.45 -4.26 12.70
C GLN A 28 6.09 -4.10 13.35
N ARG A 29 5.13 -5.01 13.12
CA ARG A 29 3.81 -4.80 13.69
C ARG A 29 3.40 -5.67 14.86
N TYR A 30 4.10 -6.78 15.11
CA TYR A 30 3.69 -7.73 16.11
C TYR A 30 4.79 -8.04 17.09
N ILE A 31 4.34 -8.41 18.29
CA ILE A 31 5.24 -8.82 19.35
C ILE A 31 5.10 -10.33 19.39
N LEU A 32 6.22 -11.04 19.32
CA LEU A 32 6.19 -12.48 19.28
C LEU A 32 7.09 -13.05 20.36
N PRO A 33 6.85 -14.26 20.81
CA PRO A 33 7.68 -14.88 21.82
C PRO A 33 9.10 -15.00 21.28
N ASP A 34 10.10 -15.15 22.12
CA ASP A 34 11.51 -15.25 21.81
C ASP A 34 11.90 -16.50 21.03
N TYR A 35 11.14 -17.58 21.11
CA TYR A 35 11.45 -18.80 20.39
C TYR A 35 10.96 -18.76 18.94
N VAL A 36 10.37 -17.69 18.45
CA VAL A 36 9.94 -17.53 17.09
C VAL A 36 11.04 -16.69 16.43
N GLU A 37 11.86 -17.29 15.56
CA GLU A 37 12.87 -16.42 14.93
C GLU A 37 12.35 -15.93 13.57
N ILE A 38 12.62 -14.73 13.18
CA ILE A 38 12.31 -14.10 11.94
C ILE A 38 13.60 -13.82 11.15
N LEU A 39 13.69 -14.30 9.91
CA LEU A 39 14.90 -14.08 9.13
C LEU A 39 14.61 -13.75 7.68
N ASP A 40 15.34 -12.74 7.23
CA ASP A 40 15.34 -12.30 5.84
C ASP A 40 16.45 -13.16 5.20
N GLY A 41 16.08 -14.17 4.41
CA GLY A 41 17.10 -15.02 3.80
C GLY A 41 17.48 -14.56 2.39
N GLY A 42 16.83 -13.55 1.86
CA GLY A 42 17.15 -13.09 0.47
C GLY A 42 17.13 -14.24 -0.53
N THR A 43 18.17 -14.33 -1.38
CA THR A 43 18.29 -15.35 -2.40
C THR A 43 19.37 -16.37 -2.04
N ALA A 44 19.65 -16.48 -0.74
CA ALA A 44 20.66 -17.45 -0.28
C ALA A 44 20.15 -18.87 -0.40
N GLY A 45 21.05 -19.83 -0.38
CA GLY A 45 20.74 -21.24 -0.46
C GLY A 45 21.28 -21.99 0.73
N MET A 46 22.35 -22.78 0.50
CA MET A 46 22.98 -23.62 1.49
C MET A 46 23.54 -22.89 2.66
N GLU A 47 23.79 -21.57 2.61
CA GLU A 47 24.20 -20.85 3.80
C GLU A 47 23.08 -20.75 4.84
N LEU A 48 21.85 -21.10 4.52
CA LEU A 48 20.71 -21.07 5.41
C LEU A 48 20.55 -22.40 6.11
N LEU A 49 21.30 -23.42 5.65
CA LEU A 49 21.16 -24.74 6.24
C LEU A 49 21.00 -24.79 7.76
N GLY A 50 21.91 -24.17 8.49
CA GLY A 50 21.94 -24.21 9.94
C GLY A 50 20.72 -23.51 10.54
N ASP A 51 20.31 -22.40 9.95
CA ASP A 51 19.11 -21.72 10.45
C ASP A 51 17.84 -22.55 10.27
N MET A 52 17.72 -23.24 9.14
CA MET A 52 16.54 -24.01 8.81
C MET A 52 16.37 -25.33 9.53
N ALA A 53 17.44 -25.87 10.12
CA ALA A 53 17.38 -27.16 10.77
C ALA A 53 16.68 -27.24 12.11
N ASN A 54 16.13 -28.39 12.46
CA ASN A 54 15.55 -28.60 13.79
C ASN A 54 14.45 -27.62 14.18
N ARG A 55 13.51 -27.42 13.25
CA ARG A 55 12.43 -26.45 13.48
C ARG A 55 11.13 -27.23 13.63
N ASP A 56 10.37 -26.83 14.65
CA ASP A 56 9.05 -27.47 14.82
C ASP A 56 8.12 -27.02 13.71
N HIS A 57 8.27 -25.75 13.34
CA HIS A 57 7.44 -25.24 12.24
C HIS A 57 8.29 -24.28 11.42
N LEU A 58 8.38 -24.55 10.13
CA LEU A 58 9.14 -23.63 9.27
C LEU A 58 8.14 -22.95 8.35
N ILE A 59 8.13 -21.66 8.37
CA ILE A 59 7.17 -20.86 7.60
C ILE A 59 7.98 -20.04 6.64
N ILE A 60 7.71 -20.20 5.35
CA ILE A 60 8.38 -19.41 4.34
C ILE A 60 7.41 -18.53 3.59
N ALA A 61 7.78 -17.26 3.30
CA ALA A 61 7.01 -16.36 2.47
C ALA A 61 7.83 -16.15 1.18
N ASP A 62 7.17 -16.22 0.03
CA ASP A 62 7.90 -15.98 -1.22
C ASP A 62 7.01 -15.69 -2.42
N ALA A 63 7.58 -15.23 -3.54
CA ALA A 63 6.77 -15.02 -4.74
C ALA A 63 6.66 -16.36 -5.44
N ILE A 64 5.45 -16.72 -5.88
CA ILE A 64 5.29 -17.98 -6.64
C ILE A 64 5.34 -17.69 -8.14
N VAL A 65 6.35 -18.22 -8.85
CA VAL A 65 6.54 -17.81 -10.25
C VAL A 65 6.37 -18.95 -11.26
N SER A 66 6.07 -20.14 -10.80
CA SER A 66 5.96 -21.28 -11.68
C SER A 66 4.55 -21.81 -11.84
N LYS A 67 3.54 -20.97 -11.63
CA LYS A 67 2.15 -21.35 -11.75
C LYS A 67 1.38 -20.33 -12.58
N LYS A 68 0.49 -20.81 -13.43
CA LYS A 68 -0.34 -19.97 -14.28
C LYS A 68 -1.63 -19.54 -13.62
N ASN A 69 -1.58 -18.71 -12.60
CA ASN A 69 -2.76 -18.13 -11.95
C ASN A 69 -2.62 -16.63 -12.08
N ALA A 70 -3.67 -15.86 -11.84
CA ALA A 70 -3.58 -14.42 -11.97
C ALA A 70 -2.70 -13.75 -10.92
N PRO A 71 -2.02 -12.68 -11.34
CA PRO A 71 -1.18 -11.88 -10.48
C PRO A 71 -1.95 -11.45 -9.23
N GLY A 72 -1.35 -11.56 -8.04
CA GLY A 72 -2.04 -11.17 -6.84
C GLY A 72 -2.73 -12.33 -6.14
N THR A 73 -2.76 -13.49 -6.75
CA THR A 73 -3.35 -14.68 -6.16
C THR A 73 -2.44 -15.17 -5.03
N MET A 74 -3.07 -15.54 -3.91
CA MET A 74 -2.28 -16.05 -2.78
C MET A 74 -2.45 -17.56 -2.71
N MET A 75 -1.38 -18.33 -2.48
CA MET A 75 -1.50 -19.75 -2.38
C MET A 75 -0.78 -20.17 -1.11
N ILE A 76 -1.34 -21.12 -0.40
CA ILE A 76 -0.73 -21.66 0.80
C ILE A 76 -0.40 -23.11 0.50
N LEU A 77 0.84 -23.52 0.64
CA LEU A 77 1.24 -24.92 0.39
C LEU A 77 1.81 -25.46 1.68
N ARG A 78 1.61 -26.73 1.95
CA ARG A 78 2.11 -27.32 3.20
C ARG A 78 2.93 -28.57 2.95
N ASP A 79 3.87 -28.83 3.85
CA ASP A 79 4.67 -30.04 3.88
C ASP A 79 5.26 -30.51 2.58
N GLU A 80 4.93 -31.69 2.04
CA GLU A 80 5.55 -32.19 0.82
C GLU A 80 5.27 -31.35 -0.39
N GLU A 81 4.21 -30.53 -0.37
CA GLU A 81 4.02 -29.67 -1.55
C GLU A 81 5.10 -28.58 -1.63
N VAL A 82 5.80 -28.18 -0.56
CA VAL A 82 6.71 -27.07 -0.79
C VAL A 82 8.00 -27.43 -1.52
N PRO A 83 8.68 -28.53 -1.21
CA PRO A 83 9.84 -29.00 -1.96
C PRO A 83 9.49 -29.21 -3.42
N ALA A 84 8.35 -29.84 -3.67
CA ALA A 84 7.86 -30.07 -5.03
C ALA A 84 7.73 -28.74 -5.75
N LEU A 85 7.10 -27.74 -5.09
CA LEU A 85 6.95 -26.47 -5.75
C LEU A 85 8.32 -25.83 -6.05
N PHE A 86 9.24 -25.95 -5.10
CA PHE A 86 10.56 -25.32 -5.27
C PHE A 86 11.45 -26.00 -6.32
N THR A 87 11.12 -27.23 -6.68
CA THR A 87 11.85 -27.95 -7.71
C THR A 87 11.32 -27.55 -9.10
N ASN A 88 11.77 -26.41 -9.59
CA ASN A 88 11.37 -25.89 -10.88
C ASN A 88 12.60 -25.33 -11.58
N LYS A 89 12.49 -24.83 -12.80
CA LYS A 89 13.67 -24.33 -13.51
C LYS A 89 13.45 -22.86 -13.84
N ILE A 90 12.43 -22.29 -13.21
CA ILE A 90 12.14 -20.87 -13.45
C ILE A 90 12.88 -19.98 -12.47
N SER A 91 12.98 -20.45 -11.24
CA SER A 91 13.61 -19.68 -10.17
C SER A 91 14.74 -20.45 -9.52
N PRO A 92 15.97 -20.06 -9.90
CA PRO A 92 17.17 -20.64 -9.35
C PRO A 92 17.21 -20.55 -7.83
N HIS A 93 16.74 -19.44 -7.22
CA HIS A 93 16.88 -19.40 -5.74
C HIS A 93 15.93 -20.40 -5.12
N GLN A 94 14.78 -20.71 -5.75
CA GLN A 94 13.91 -21.73 -5.15
C GLN A 94 14.54 -23.10 -5.24
N LEU A 95 15.18 -23.42 -6.38
CA LEU A 95 15.88 -24.69 -6.53
C LEU A 95 16.96 -24.80 -5.48
N GLY A 96 17.71 -23.72 -5.19
CA GLY A 96 18.70 -23.85 -4.07
C GLY A 96 17.97 -24.25 -2.77
N LEU A 97 16.83 -23.61 -2.46
CA LEU A 97 16.02 -23.97 -1.27
C LEU A 97 15.59 -25.42 -1.27
N ALA A 98 15.18 -25.94 -2.44
CA ALA A 98 14.88 -27.35 -2.58
C ALA A 98 16.14 -28.18 -2.25
N ASP A 99 17.35 -27.74 -2.62
CA ASP A 99 18.54 -28.52 -2.24
C ASP A 99 18.76 -28.50 -0.73
N VAL A 100 18.56 -27.34 -0.09
CA VAL A 100 18.66 -27.27 1.35
C VAL A 100 17.69 -28.24 2.01
N LEU A 101 16.42 -28.25 1.58
CA LEU A 101 15.46 -29.15 2.19
C LEU A 101 15.91 -30.60 2.02
N SER A 102 16.45 -31.01 0.87
CA SER A 102 16.93 -32.37 0.67
C SER A 102 18.03 -32.78 1.66
N ALA A 103 18.99 -31.87 1.86
CA ALA A 103 20.09 -32.04 2.78
C ALA A 103 19.56 -32.28 4.19
N LEU A 104 18.56 -31.49 4.62
CA LEU A 104 17.89 -31.63 5.89
C LEU A 104 17.16 -32.96 6.08
N ARG A 105 16.60 -33.49 5.01
CA ARG A 105 15.88 -34.75 5.00
C ARG A 105 16.90 -35.87 5.21
N PHE A 106 18.02 -35.74 4.49
CA PHE A 106 19.14 -36.64 4.58
C PHE A 106 19.68 -36.72 6.01
N THR A 107 19.80 -35.60 6.70
CA THR A 107 20.33 -35.64 8.05
C THR A 107 19.31 -35.79 9.16
N GLY A 108 18.04 -36.06 8.84
CA GLY A 108 17.03 -36.19 9.87
C GLY A 108 16.73 -34.91 10.60
N GLU A 109 16.78 -33.75 9.93
CA GLU A 109 16.46 -32.50 10.61
C GLU A 109 15.45 -31.64 9.86
N PHE A 110 14.68 -32.31 9.03
CA PHE A 110 13.63 -31.72 8.23
C PHE A 110 12.59 -31.16 9.21
N PRO A 111 12.06 -29.98 8.91
CA PRO A 111 11.05 -29.36 9.75
C PRO A 111 9.89 -30.31 10.00
N LYS A 112 9.38 -30.37 11.23
CA LYS A 112 8.21 -31.16 11.58
C LYS A 112 7.00 -30.63 10.80
N LYS A 113 6.90 -29.31 10.68
CA LYS A 113 5.79 -28.77 9.88
C LYS A 113 6.33 -27.72 8.92
N LEU A 114 5.82 -27.64 7.69
CA LEU A 114 6.31 -26.65 6.74
C LEU A 114 5.14 -25.96 6.07
N THR A 115 5.15 -24.64 6.05
CA THR A 115 4.13 -23.87 5.42
C THR A 115 4.74 -22.81 4.52
N LEU A 116 4.20 -22.68 3.32
CA LEU A 116 4.71 -21.64 2.42
C LEU A 116 3.54 -20.73 2.16
N VAL A 117 3.68 -19.42 2.44
CA VAL A 117 2.64 -18.50 1.99
C VAL A 117 3.20 -17.73 0.80
N GLY A 118 2.55 -17.99 -0.35
CA GLY A 118 3.04 -17.42 -1.58
C GLY A 118 2.07 -16.52 -2.30
N VAL A 119 2.67 -15.57 -3.04
CA VAL A 119 1.84 -14.67 -3.85
C VAL A 119 2.41 -14.61 -5.27
N ILE A 120 1.48 -14.70 -6.24
CA ILE A 120 1.95 -14.63 -7.63
C ILE A 120 2.13 -13.16 -8.02
N PRO A 121 3.33 -12.88 -8.52
CA PRO A 121 3.72 -11.53 -8.91
C PRO A 121 3.03 -11.01 -10.17
N GLU A 122 3.01 -9.69 -10.30
CA GLU A 122 2.50 -9.01 -11.46
C GLU A 122 3.70 -8.67 -12.37
N SER A 123 4.74 -8.07 -11.78
CA SER A 123 5.92 -7.72 -12.54
C SER A 123 7.19 -8.15 -11.80
N LEU A 124 8.17 -8.59 -12.58
CA LEU A 124 9.49 -8.98 -12.09
C LEU A 124 10.60 -8.10 -12.65
N GLU A 125 10.32 -6.91 -13.11
CA GLU A 125 11.31 -5.98 -13.61
C GLU A 125 12.30 -5.51 -12.54
N PRO A 126 13.48 -5.13 -13.00
CA PRO A 126 14.50 -4.54 -12.14
C PRO A 126 13.97 -3.23 -11.60
N HIS A 127 13.66 -3.16 -10.31
CA HIS A 127 13.07 -1.96 -9.72
C HIS A 127 12.74 -2.21 -8.25
N ILE A 128 12.92 -1.20 -7.41
CA ILE A 128 12.60 -1.36 -6.00
C ILE A 128 11.19 -0.81 -5.77
N GLY A 129 10.25 -1.68 -5.44
CA GLY A 129 8.88 -1.19 -5.21
C GLY A 129 7.91 -2.23 -5.77
N LEU A 130 6.96 -2.64 -4.92
CA LEU A 130 5.96 -3.60 -5.31
C LEU A 130 4.94 -2.91 -6.21
N THR A 131 4.28 -3.69 -7.00
CA THR A 131 3.14 -3.28 -7.81
C THR A 131 1.99 -3.07 -6.83
N PRO A 132 1.01 -2.25 -7.19
CA PRO A 132 -0.14 -1.99 -6.34
C PRO A 132 -0.93 -3.25 -6.04
N THR A 133 -1.02 -4.15 -7.03
CA THR A 133 -1.79 -5.36 -6.85
C THR A 133 -1.09 -6.33 -5.90
N VAL A 134 0.25 -6.33 -5.84
CA VAL A 134 0.91 -7.26 -4.91
C VAL A 134 1.02 -6.66 -3.52
N GLU A 135 1.16 -5.33 -3.49
CA GLU A 135 1.27 -4.59 -2.25
C GLU A 135 -0.01 -4.73 -1.42
N ALA A 136 -1.17 -4.80 -2.02
CA ALA A 136 -2.44 -5.00 -1.37
C ALA A 136 -2.54 -6.39 -0.74
N MET A 137 -1.66 -7.33 -1.11
CA MET A 137 -1.64 -8.68 -0.59
C MET A 137 -0.75 -8.86 0.64
N ILE A 138 -0.06 -7.81 1.07
CA ILE A 138 0.75 -7.94 2.28
C ILE A 138 -0.07 -8.29 3.53
N GLU A 139 -1.23 -7.64 3.71
CA GLU A 139 -2.09 -7.81 4.89
C GLU A 139 -2.69 -9.21 4.98
N PRO A 140 -3.34 -9.64 3.91
CA PRO A 140 -3.86 -10.99 3.81
C PRO A 140 -2.75 -12.02 3.96
N ALA A 141 -1.56 -11.82 3.38
CA ALA A 141 -0.48 -12.82 3.55
C ALA A 141 0.00 -12.83 4.99
N LEU A 142 0.04 -11.64 5.57
CA LEU A 142 0.46 -11.50 6.98
C LEU A 142 -0.53 -12.25 7.88
N GLU A 143 -1.85 -12.16 7.58
CA GLU A 143 -2.81 -12.93 8.38
C GLU A 143 -2.57 -14.41 8.26
N GLN A 144 -2.17 -14.89 7.07
CA GLN A 144 -1.87 -16.31 6.89
C GLN A 144 -0.65 -16.73 7.68
N VAL A 145 0.40 -15.85 7.80
CA VAL A 145 1.52 -16.34 8.60
C VAL A 145 1.13 -16.37 10.09
N LEU A 146 0.30 -15.41 10.53
CA LEU A 146 -0.24 -15.42 11.90
C LEU A 146 -1.03 -16.67 12.18
N ALA A 147 -1.89 -17.11 11.24
CA ALA A 147 -2.66 -18.32 11.41
C ALA A 147 -1.77 -19.55 11.50
N ALA A 148 -0.70 -19.60 10.68
CA ALA A 148 0.18 -20.78 10.74
C ALA A 148 0.91 -20.81 12.09
N LEU A 149 1.30 -19.65 12.56
CA LEU A 149 1.94 -19.49 13.88
C LEU A 149 1.00 -19.94 15.01
N ARG A 150 -0.25 -19.48 14.94
CA ARG A 150 -1.31 -19.83 15.93
C ARG A 150 -1.57 -21.31 15.93
N GLU A 151 -1.46 -21.96 14.76
CA GLU A 151 -1.60 -23.40 14.69
C GLU A 151 -0.51 -24.15 15.44
N SER A 152 0.63 -23.50 15.72
CA SER A 152 1.69 -24.16 16.49
C SER A 152 1.63 -23.64 17.92
N GLY A 153 0.59 -22.91 18.26
CA GLY A 153 0.38 -22.43 19.61
C GLY A 153 0.91 -21.07 19.92
N VAL A 154 1.35 -20.25 18.94
CA VAL A 154 1.84 -18.94 19.33
C VAL A 154 0.81 -17.90 18.94
N GLU A 155 0.59 -16.96 19.86
CA GLU A 155 -0.32 -15.85 19.58
C GLU A 155 0.58 -14.63 19.47
N ALA A 156 0.38 -13.93 18.36
CA ALA A 156 1.19 -12.74 18.11
C ALA A 156 0.40 -11.58 18.68
N ILE A 157 1.08 -10.59 19.26
CA ILE A 157 0.29 -9.47 19.76
C ILE A 157 0.61 -8.27 18.92
N PRO A 158 -0.40 -7.60 18.40
CA PRO A 158 -0.14 -6.39 17.66
C PRO A 158 0.58 -5.44 18.64
N ARG A 159 1.49 -4.63 18.14
CA ARG A 159 2.24 -3.64 18.90
C ARG A 159 1.33 -2.49 19.30
N SER A 160 0.23 -2.30 18.59
CA SER A 160 -0.73 -1.25 18.90
C SER A 160 -1.48 -1.55 20.19
N ASP A 161 -1.48 -2.79 20.68
CA ASP A 161 -2.04 -3.17 21.95
C ASP A 161 -0.91 -3.24 22.99
N SER A 162 -0.05 -2.27 23.00
CA SER A 162 1.12 -2.21 23.85
C SER A 162 1.28 -0.79 24.31
N MET B 1 17.19 7.27 -21.02
CA MET B 1 18.58 6.72 -21.12
C MET B 1 18.63 5.63 -22.21
N ARG B 2 19.56 5.76 -23.16
CA ARG B 2 19.67 4.74 -24.21
C ARG B 2 21.06 4.09 -24.19
N ILE B 3 21.14 2.80 -23.93
CA ILE B 3 22.37 2.09 -23.79
C ILE B 3 22.37 0.90 -24.76
N LEU B 4 23.49 0.75 -25.46
CA LEU B 4 23.63 -0.46 -26.27
C LEU B 4 24.93 -1.19 -25.90
N VAL B 5 24.86 -2.47 -25.72
CA VAL B 5 25.93 -3.41 -25.50
C VAL B 5 26.07 -4.19 -26.81
N LEU B 6 27.12 -3.95 -27.58
CA LEU B 6 27.36 -4.56 -28.87
C LEU B 6 28.53 -5.54 -28.88
N GLY B 7 28.24 -6.78 -29.14
CA GLY B 7 29.28 -7.84 -29.23
C GLY B 7 29.57 -7.98 -30.76
N VAL B 8 30.81 -7.83 -31.18
CA VAL B 8 31.18 -7.93 -32.60
C VAL B 8 32.26 -8.98 -32.74
N GLY B 9 32.45 -9.53 -33.94
CA GLY B 9 33.44 -10.61 -34.06
C GLY B 9 32.91 -11.72 -34.99
N ASN B 10 33.65 -12.83 -35.06
CA ASN B 10 33.34 -13.93 -35.93
C ASN B 10 33.57 -15.19 -35.15
N ILE B 11 32.47 -15.93 -34.97
CA ILE B 11 32.49 -17.19 -34.26
C ILE B 11 33.29 -18.26 -34.96
N LEU B 12 33.48 -18.11 -36.28
CA LEU B 12 34.20 -19.09 -37.06
C LEU B 12 35.70 -18.99 -36.94
N LEU B 13 36.22 -17.90 -36.34
CA LEU B 13 37.65 -17.74 -36.20
C LEU B 13 38.24 -17.85 -34.79
N THR B 14 38.01 -18.97 -34.12
CA THR B 14 38.55 -19.19 -32.79
C THR B 14 38.32 -18.03 -31.82
N ASP B 15 39.33 -17.37 -31.31
CA ASP B 15 39.27 -16.30 -30.35
C ASP B 15 38.74 -14.99 -30.86
N GLU B 16 38.47 -14.86 -32.15
CA GLU B 16 37.78 -13.74 -32.73
C GLU B 16 36.29 -13.72 -32.40
N ALA B 17 35.82 -14.77 -31.79
CA ALA B 17 34.46 -14.91 -31.29
C ALA B 17 34.25 -14.21 -29.94
N ILE B 18 35.34 -13.84 -29.20
CA ILE B 18 35.27 -13.39 -27.82
C ILE B 18 34.21 -12.35 -27.58
N GLY B 19 34.12 -11.30 -28.38
CA GLY B 19 33.11 -10.27 -28.28
C GLY B 19 31.69 -10.83 -28.27
N VAL B 20 31.35 -11.69 -29.22
CA VAL B 20 30.07 -12.35 -29.34
C VAL B 20 29.78 -13.21 -28.13
N ARG B 21 30.73 -14.02 -27.67
CA ARG B 21 30.54 -14.84 -26.48
C ARG B 21 30.36 -14.03 -25.20
N ILE B 22 31.01 -12.89 -25.07
CA ILE B 22 30.79 -12.06 -23.89
C ILE B 22 29.34 -11.60 -23.78
N VAL B 23 28.80 -10.99 -24.81
CA VAL B 23 27.43 -10.52 -24.93
C VAL B 23 26.37 -11.61 -24.84
N GLU B 24 26.63 -12.83 -25.33
CA GLU B 24 25.73 -13.95 -25.11
C GLU B 24 25.72 -14.32 -23.63
N ALA B 25 26.89 -14.28 -22.96
CA ALA B 25 26.99 -14.65 -21.57
C ALA B 25 26.24 -13.62 -20.72
N LEU B 26 26.21 -12.35 -21.12
CA LEU B 26 25.52 -11.30 -20.41
C LEU B 26 24.02 -11.52 -20.36
N GLU B 27 23.53 -11.75 -21.58
CA GLU B 27 22.11 -11.92 -21.88
C GLU B 27 21.58 -13.17 -21.17
N GLN B 28 22.37 -14.22 -21.15
CA GLN B 28 22.02 -15.45 -20.46
C GLN B 28 22.14 -15.41 -18.95
N ARG B 29 23.05 -14.62 -18.35
CA ARG B 29 23.20 -14.65 -16.91
C ARG B 29 22.58 -13.53 -16.10
N TYR B 30 22.19 -12.43 -16.72
CA TYR B 30 21.79 -11.25 -15.96
C TYR B 30 20.43 -10.79 -16.42
N ILE B 31 19.73 -10.14 -15.52
CA ILE B 31 18.48 -9.46 -15.84
C ILE B 31 18.87 -8.00 -15.90
N LEU B 32 18.43 -7.34 -16.98
CA LEU B 32 18.78 -5.93 -17.16
C LEU B 32 17.51 -5.15 -17.43
N PRO B 33 17.50 -3.87 -17.15
CA PRO B 33 16.38 -3.01 -17.51
C PRO B 33 16.12 -3.06 -19.00
N ASP B 34 14.94 -2.64 -19.42
CA ASP B 34 14.49 -2.66 -20.80
C ASP B 34 15.19 -1.65 -21.70
N TYR B 35 15.70 -0.55 -21.17
CA TYR B 35 16.45 0.39 -21.99
C TYR B 35 17.90 -0.03 -22.25
N VAL B 36 18.37 -1.21 -21.87
CA VAL B 36 19.72 -1.66 -22.15
C VAL B 36 19.57 -2.62 -23.33
N GLU B 37 20.02 -2.23 -24.52
CA GLU B 37 19.83 -3.19 -25.62
C GLU B 37 21.11 -4.00 -25.83
N ILE B 38 20.99 -5.25 -26.12
CA ILE B 38 22.11 -6.18 -26.30
C ILE B 38 22.07 -6.64 -27.77
N LEU B 39 23.15 -6.42 -28.52
CA LEU B 39 23.14 -6.82 -29.93
C LEU B 39 24.41 -7.51 -30.36
N ASP B 40 24.27 -8.67 -31.00
CA ASP B 40 25.30 -9.38 -31.70
C ASP B 40 25.48 -8.73 -33.08
N GLY B 41 26.49 -7.91 -33.29
CA GLY B 41 26.68 -7.23 -34.58
C GLY B 41 27.56 -8.03 -35.53
N GLY B 42 28.05 -9.20 -35.20
CA GLY B 42 28.97 -9.94 -36.04
C GLY B 42 30.04 -9.06 -36.65
N THR B 43 30.23 -9.23 -37.97
CA THR B 43 31.25 -8.48 -38.72
C THR B 43 30.62 -7.38 -39.55
N ALA B 44 29.39 -7.03 -39.23
CA ALA B 44 28.69 -5.98 -39.98
C ALA B 44 29.32 -4.61 -39.77
N GLY B 45 29.01 -3.67 -40.67
CA GLY B 45 29.52 -2.33 -40.59
C GLY B 45 28.41 -1.28 -40.58
N MET B 46 28.25 -0.60 -41.72
CA MET B 46 27.29 0.46 -41.89
C MET B 46 25.84 0.05 -41.75
N GLU B 47 25.50 -1.21 -41.81
CA GLU B 47 24.16 -1.65 -41.44
C GLU B 47 23.85 -1.47 -39.95
N LEU B 48 24.80 -1.18 -39.08
CA LEU B 48 24.62 -1.01 -37.65
C LEU B 48 24.40 0.46 -37.34
N LEU B 49 24.59 1.31 -38.35
CA LEU B 49 24.44 2.75 -38.18
C LEU B 49 23.26 3.19 -37.34
N GLY B 50 22.05 2.76 -37.65
CA GLY B 50 20.87 3.11 -36.88
C GLY B 50 20.88 2.56 -35.45
N ASP B 51 21.40 1.36 -35.23
CA ASP B 51 21.45 0.78 -33.88
C ASP B 51 22.39 1.55 -32.98
N MET B 52 23.54 1.95 -33.49
CA MET B 52 24.56 2.69 -32.76
C MET B 52 24.32 4.13 -32.46
N ALA B 53 23.37 4.78 -33.12
CA ALA B 53 23.15 6.22 -32.97
C ALA B 53 22.36 6.62 -31.74
N ASN B 54 22.55 7.84 -31.27
CA ASN B 54 21.81 8.33 -30.11
C ASN B 54 21.83 7.43 -28.87
N ARG B 55 23.04 7.08 -28.45
CA ARG B 55 23.22 6.22 -27.28
C ARG B 55 23.89 7.05 -26.19
N ASP B 56 23.39 6.90 -24.96
CA ASP B 56 24.03 7.57 -23.82
C ASP B 56 25.33 6.84 -23.52
N HIS B 57 25.32 5.52 -23.63
CA HIS B 57 26.60 4.79 -23.44
C HIS B 57 26.62 3.69 -24.51
N LEU B 58 27.70 3.55 -25.24
CA LEU B 58 27.86 2.46 -26.16
C LEU B 58 29.03 1.60 -25.65
N ILE B 59 28.76 0.32 -25.44
CA ILE B 59 29.73 -0.61 -24.92
C ILE B 59 29.94 -1.67 -25.98
N ILE B 60 31.19 -1.88 -26.38
CA ILE B 60 31.61 -2.79 -27.40
C ILE B 60 32.56 -3.80 -26.84
N ALA B 61 32.27 -5.10 -27.13
CA ALA B 61 33.17 -6.16 -26.79
C ALA B 61 33.80 -6.69 -28.09
N ASP B 62 35.10 -6.95 -28.11
CA ASP B 62 35.76 -7.46 -29.30
C ASP B 62 37.16 -7.97 -29.05
N ALA B 63 37.73 -8.77 -29.94
CA ALA B 63 39.11 -9.20 -29.88
C ALA B 63 39.97 -8.03 -30.35
N ILE B 64 41.09 -7.83 -29.67
CA ILE B 64 42.01 -6.74 -30.03
C ILE B 64 43.20 -7.42 -30.74
N VAL B 65 43.35 -7.14 -32.03
CA VAL B 65 44.37 -7.86 -32.82
C VAL B 65 45.52 -6.99 -33.30
N SER B 66 45.52 -5.71 -33.00
CA SER B 66 46.53 -4.79 -33.51
C SER B 66 47.48 -4.28 -32.44
N LYS B 67 47.67 -5.04 -31.37
CA LYS B 67 48.56 -4.67 -30.28
C LYS B 67 49.45 -5.85 -29.89
N LYS B 68 50.70 -5.55 -29.60
CA LYS B 68 51.69 -6.54 -29.21
C LYS B 68 51.71 -6.79 -27.70
N ASN B 69 50.66 -7.42 -27.15
CA ASN B 69 50.62 -7.76 -25.74
C ASN B 69 50.35 -9.26 -25.71
N ALA B 70 50.54 -9.92 -24.58
CA ALA B 70 50.32 -11.36 -24.52
C ALA B 70 48.87 -11.77 -24.70
N PRO B 71 48.65 -12.89 -25.37
CA PRO B 71 47.34 -13.48 -25.51
C PRO B 71 46.62 -13.54 -24.17
N GLY B 72 45.32 -13.23 -24.10
CA GLY B 72 44.62 -13.32 -22.82
C GLY B 72 44.63 -12.00 -22.07
N THR B 73 45.41 -11.02 -22.53
CA THR B 73 45.41 -9.70 -21.90
C THR B 73 44.08 -8.98 -22.20
N MET B 74 43.58 -8.30 -21.16
CA MET B 74 42.32 -7.60 -21.31
C MET B 74 42.61 -6.11 -21.31
N MET B 75 42.05 -5.35 -22.24
CA MET B 75 42.29 -3.93 -22.33
C MET B 75 40.93 -3.21 -22.40
N ILE B 76 40.81 -2.12 -21.69
CA ILE B 76 39.62 -1.30 -21.68
C ILE B 76 39.96 0.06 -22.28
N LEU B 77 39.31 0.43 -23.37
CA LEU B 77 39.58 1.70 -24.02
C LEU B 77 38.32 2.53 -23.97
N ARG B 78 38.47 3.84 -23.85
CA ARG B 78 37.26 4.69 -23.72
C ARG B 78 37.33 5.85 -24.71
N ASP B 79 36.16 6.35 -25.03
CA ASP B 79 35.92 7.49 -25.90
C ASP B 79 36.81 7.59 -27.11
N GLU B 80 37.68 8.58 -27.24
CA GLU B 80 38.47 8.80 -28.44
C GLU B 80 39.51 7.73 -28.70
N GLU B 81 39.88 6.97 -27.69
CA GLU B 81 40.75 5.82 -27.93
C GLU B 81 40.05 4.78 -28.80
N VAL B 82 38.70 4.65 -28.80
CA VAL B 82 38.24 3.45 -29.54
C VAL B 82 38.26 3.63 -31.04
N PRO B 83 37.88 4.78 -31.60
CA PRO B 83 37.93 5.01 -33.04
C PRO B 83 39.37 4.90 -33.53
N ALA B 84 40.30 5.52 -32.80
CA ALA B 84 41.72 5.35 -33.08
C ALA B 84 42.09 3.88 -33.10
N LEU B 85 41.69 3.06 -32.12
CA LEU B 85 42.08 1.67 -32.16
C LEU B 85 41.52 0.92 -33.37
N PHE B 86 40.29 1.25 -33.77
CA PHE B 86 39.62 0.56 -34.85
C PHE B 86 40.18 0.98 -36.22
N THR B 87 40.89 2.12 -36.26
CA THR B 87 41.52 2.57 -37.49
C THR B 87 42.83 1.85 -37.72
N ASN B 88 42.81 0.63 -38.20
CA ASN B 88 43.99 -0.18 -38.38
C ASN B 88 43.83 -0.96 -39.69
N LYS B 89 44.85 -1.71 -40.09
CA LYS B 89 44.74 -2.37 -41.41
C LYS B 89 44.80 -3.88 -41.22
N ILE B 90 44.69 -4.29 -39.95
CA ILE B 90 44.76 -5.72 -39.68
C ILE B 90 43.36 -6.32 -39.67
N SER B 91 42.37 -5.54 -39.25
CA SER B 91 41.00 -6.07 -39.11
C SER B 91 39.96 -5.24 -39.81
N PRO B 92 39.57 -5.72 -41.01
CA PRO B 92 38.64 -5.03 -41.88
C PRO B 92 37.33 -4.71 -41.16
N HIS B 93 36.79 -5.66 -40.37
CA HIS B 93 35.54 -5.33 -39.67
C HIS B 93 35.76 -4.23 -38.67
N GLN B 94 36.93 -4.06 -38.06
CA GLN B 94 37.12 -2.91 -37.16
C GLN B 94 37.15 -1.62 -37.92
N LEU B 95 37.79 -1.63 -39.11
CA LEU B 95 37.81 -0.40 -39.93
C LEU B 95 36.40 -0.04 -40.34
N GLY B 96 35.56 -1.03 -40.63
CA GLY B 96 34.14 -0.68 -40.95
C GLY B 96 33.47 0.03 -39.80
N LEU B 97 33.79 -0.38 -38.55
CA LEU B 97 33.24 0.23 -37.32
C LEU B 97 33.75 1.62 -37.13
N ALA B 98 35.03 1.84 -37.50
CA ALA B 98 35.55 3.23 -37.49
C ALA B 98 34.84 4.09 -38.52
N ASP B 99 34.44 3.50 -39.68
CA ASP B 99 33.62 4.34 -40.61
C ASP B 99 32.26 4.69 -40.02
N VAL B 100 31.60 3.71 -39.38
CA VAL B 100 30.34 4.00 -38.72
C VAL B 100 30.48 5.12 -37.68
N LEU B 101 31.52 5.04 -36.84
CA LEU B 101 31.68 6.09 -35.82
C LEU B 101 31.90 7.44 -36.45
N SER B 102 32.68 7.57 -37.52
CA SER B 102 32.83 8.85 -38.22
C SER B 102 31.49 9.40 -38.73
N ALA B 103 30.68 8.56 -39.34
CA ALA B 103 29.37 8.98 -39.83
C ALA B 103 28.57 9.63 -38.71
N LEU B 104 28.49 8.94 -37.57
CA LEU B 104 27.77 9.39 -36.40
C LEU B 104 28.28 10.72 -35.86
N ARG B 105 29.61 10.90 -35.93
CA ARG B 105 30.22 12.16 -35.51
C ARG B 105 29.75 13.28 -36.43
N PHE B 106 29.72 13.01 -37.72
CA PHE B 106 29.25 13.94 -38.74
C PHE B 106 27.82 14.36 -38.49
N THR B 107 26.92 13.43 -38.15
CA THR B 107 25.52 13.75 -37.92
C THR B 107 25.16 14.15 -36.51
N GLY B 108 26.15 14.32 -35.63
CA GLY B 108 25.90 14.73 -34.27
C GLY B 108 25.20 13.68 -33.43
N GLU B 109 25.42 12.40 -33.71
CA GLU B 109 24.79 11.33 -32.94
C GLU B 109 25.77 10.34 -32.34
N PHE B 110 26.97 10.84 -32.12
CA PHE B 110 28.07 10.08 -31.55
C PHE B 110 27.70 9.76 -30.11
N PRO B 111 28.03 8.56 -29.65
CA PRO B 111 27.70 8.15 -28.29
C PRO B 111 28.24 9.12 -27.28
N LYS B 112 27.47 9.45 -26.24
CA LYS B 112 27.94 10.35 -25.20
C LYS B 112 29.11 9.69 -24.47
N LYS B 113 29.01 8.37 -24.28
CA LYS B 113 30.11 7.63 -23.66
C LYS B 113 30.38 6.38 -24.47
N LEU B 114 31.63 6.04 -24.67
CA LEU B 114 31.98 4.84 -25.43
C LEU B 114 32.99 4.03 -24.65
N THR B 115 32.76 2.74 -24.50
CA THR B 115 33.71 1.88 -23.80
C THR B 115 33.95 0.61 -24.62
N LEU B 116 35.21 0.27 -24.85
CA LEU B 116 35.55 -0.97 -25.50
C LEU B 116 36.15 -1.96 -24.51
N VAL B 117 35.58 -3.16 -24.40
CA VAL B 117 36.22 -4.16 -23.54
C VAL B 117 36.76 -5.25 -24.46
N GLY B 118 38.09 -5.27 -24.55
CA GLY B 118 38.78 -6.09 -25.49
C GLY B 118 39.71 -7.13 -24.91
N VAL B 119 39.84 -8.24 -25.65
CA VAL B 119 40.78 -9.26 -25.23
C VAL B 119 41.66 -9.71 -26.39
N ILE B 120 42.96 -9.77 -26.09
CA ILE B 120 43.92 -10.21 -27.12
C ILE B 120 43.84 -11.70 -27.28
N PRO B 121 43.52 -12.15 -28.51
CA PRO B 121 43.38 -13.55 -28.83
C PRO B 121 44.70 -14.32 -28.77
N GLU B 122 44.59 -15.62 -28.60
CA GLU B 122 45.70 -16.55 -28.70
C GLU B 122 45.75 -17.14 -30.12
N SER B 123 44.63 -17.54 -30.69
CA SER B 123 44.57 -18.11 -32.02
C SER B 123 43.40 -17.54 -32.82
N LEU B 124 43.65 -17.34 -34.12
CA LEU B 124 42.64 -16.85 -35.04
C LEU B 124 42.38 -17.86 -36.18
N GLU B 125 42.63 -19.13 -35.95
CA GLU B 125 42.38 -20.15 -36.96
C GLU B 125 40.88 -20.35 -37.25
N PRO B 126 40.57 -20.84 -38.43
CA PRO B 126 39.24 -21.28 -38.79
C PRO B 126 38.79 -22.39 -37.87
N HIS B 127 37.82 -22.12 -36.99
CA HIS B 127 37.39 -23.14 -36.02
C HIS B 127 36.39 -22.53 -35.03
N ILE B 128 35.42 -23.31 -34.59
CA ILE B 128 34.41 -22.83 -33.65
C ILE B 128 34.85 -23.29 -32.26
N GLY B 129 35.15 -22.34 -31.39
CA GLY B 129 35.61 -22.74 -30.05
C GLY B 129 36.80 -21.88 -29.64
N LEU B 130 36.71 -21.32 -28.45
CA LEU B 130 37.72 -20.42 -27.94
C LEU B 130 38.84 -21.29 -27.38
N THR B 131 40.00 -20.69 -27.34
CA THR B 131 41.19 -21.30 -26.74
C THR B 131 40.94 -21.22 -25.23
N PRO B 132 41.59 -22.07 -24.45
CA PRO B 132 41.42 -22.12 -23.01
C PRO B 132 41.84 -20.83 -22.31
N THR B 133 42.87 -20.18 -22.82
CA THR B 133 43.31 -18.92 -22.26
C THR B 133 42.37 -17.77 -22.59
N VAL B 134 41.65 -17.79 -23.72
CA VAL B 134 40.69 -16.70 -23.96
C VAL B 134 39.36 -16.95 -23.28
N GLU B 135 38.98 -18.22 -23.20
CA GLU B 135 37.74 -18.62 -22.54
C GLU B 135 37.76 -18.28 -21.05
N ALA B 136 38.90 -18.29 -20.40
CA ALA B 136 39.06 -17.96 -19.00
C ALA B 136 38.86 -16.47 -18.75
N MET B 137 38.86 -15.66 -19.80
CA MET B 137 38.68 -14.22 -19.69
C MET B 137 37.26 -13.77 -19.88
N ILE B 138 36.32 -14.68 -20.11
CA ILE B 138 34.92 -14.30 -20.26
C ILE B 138 34.37 -13.63 -19.01
N GLU B 139 34.63 -14.21 -17.85
CA GLU B 139 34.15 -13.74 -16.55
C GLU B 139 34.68 -12.36 -16.17
N PRO B 140 36.01 -12.19 -16.19
CA PRO B 140 36.60 -10.87 -15.96
C PRO B 140 36.08 -9.87 -17.00
N ALA B 141 35.89 -10.26 -18.28
CA ALA B 141 35.43 -9.30 -19.29
C ALA B 141 33.98 -8.91 -19.02
N LEU B 142 33.21 -9.89 -18.58
CA LEU B 142 31.82 -9.70 -18.19
C LEU B 142 31.73 -8.74 -17.00
N GLU B 143 32.58 -8.91 -16.01
CA GLU B 143 32.62 -7.93 -14.90
C GLU B 143 32.91 -6.51 -15.39
N GLN B 144 33.73 -6.39 -16.44
CA GLN B 144 34.05 -5.05 -16.96
C GLN B 144 32.83 -4.48 -17.64
N VAL B 145 32.05 -5.30 -18.37
CA VAL B 145 30.88 -4.64 -19.00
C VAL B 145 29.86 -4.29 -17.93
N LEU B 146 29.71 -5.12 -16.86
CA LEU B 146 28.87 -4.77 -15.72
C LEU B 146 29.28 -3.48 -15.00
N ALA B 147 30.60 -3.22 -14.94
CA ALA B 147 31.11 -1.99 -14.29
C ALA B 147 30.78 -0.78 -15.16
N ALA B 148 30.91 -0.93 -16.49
CA ALA B 148 30.63 0.13 -17.44
C ALA B 148 29.15 0.51 -17.43
N LEU B 149 28.30 -0.53 -17.32
CA LEU B 149 26.88 -0.33 -17.14
C LEU B 149 26.48 0.36 -15.85
N ARG B 150 27.06 -0.02 -14.72
CA ARG B 150 26.87 0.55 -13.38
C ARG B 150 27.28 2.00 -13.37
N GLU B 151 28.30 2.34 -14.16
CA GLU B 151 28.79 3.72 -14.27
C GLU B 151 27.76 4.62 -14.95
N SER B 152 26.80 4.05 -15.68
CA SER B 152 25.72 4.80 -16.30
C SER B 152 24.45 4.65 -15.46
N GLY B 153 24.58 4.07 -14.27
CA GLY B 153 23.47 3.92 -13.35
C GLY B 153 22.69 2.64 -13.50
N VAL B 154 23.13 1.62 -14.23
CA VAL B 154 22.28 0.42 -14.28
C VAL B 154 22.92 -0.69 -13.46
N GLU B 155 22.11 -1.39 -12.69
CA GLU B 155 22.58 -2.50 -11.87
C GLU B 155 21.92 -3.75 -12.43
N ALA B 156 22.82 -4.66 -12.80
CA ALA B 156 22.39 -5.88 -13.50
C ALA B 156 22.12 -6.89 -12.41
N ILE B 157 21.06 -7.66 -12.50
CA ILE B 157 20.84 -8.65 -11.43
C ILE B 157 21.14 -10.03 -12.01
N PRO B 158 21.99 -10.78 -11.33
CA PRO B 158 22.21 -12.16 -11.72
C PRO B 158 20.86 -12.88 -11.69
N ARG B 159 20.63 -13.76 -12.67
CA ARG B 159 19.44 -14.58 -12.79
C ARG B 159 19.36 -15.59 -11.65
N SER B 160 20.49 -15.92 -11.05
CA SER B 160 20.51 -16.85 -9.93
C SER B 160 19.86 -16.23 -8.69
N ASP B 161 19.73 -14.90 -8.61
CA ASP B 161 19.02 -14.22 -7.54
C ASP B 161 17.57 -13.97 -7.97
N SER B 162 16.90 -14.96 -8.49
CA SER B 162 15.59 -14.82 -9.11
C SER B 162 14.89 -16.13 -8.76
N MET C 1 -12.47 31.79 6.29
CA MET C 1 -13.50 30.79 5.90
C MET C 1 -12.89 29.39 6.01
N ARG C 2 -13.54 28.50 6.74
CA ARG C 2 -13.04 27.14 6.87
C ARG C 2 -14.07 26.13 6.38
N ILE C 3 -13.73 25.41 5.32
CA ILE C 3 -14.59 24.43 4.70
C ILE C 3 -13.96 23.05 4.65
N LEU C 4 -14.76 22.02 4.99
CA LEU C 4 -14.24 20.65 4.87
C LEU C 4 -15.17 19.82 4.00
N VAL C 5 -14.64 19.15 2.98
CA VAL C 5 -15.34 18.18 2.18
C VAL C 5 -14.88 16.80 2.71
N LEU C 6 -15.80 16.09 3.37
CA LEU C 6 -15.50 14.80 3.97
C LEU C 6 -16.08 13.63 3.19
N GLY C 7 -15.26 12.75 2.60
CA GLY C 7 -15.84 11.58 1.93
C GLY C 7 -15.73 10.43 2.98
N VAL C 8 -16.80 9.70 3.24
CA VAL C 8 -16.76 8.60 4.25
C VAL C 8 -17.25 7.35 3.56
N GLY C 9 -16.98 6.18 4.15
CA GLY C 9 -17.48 4.93 3.55
C GLY C 9 -16.35 3.88 3.56
N ASN C 10 -16.54 2.83 2.79
CA ASN C 10 -15.65 1.68 2.79
C ASN C 10 -15.55 1.16 1.37
N ILE C 11 -14.35 1.33 0.84
CA ILE C 11 -14.01 0.86 -0.51
C ILE C 11 -14.13 -0.63 -0.68
N LEU C 12 -14.04 -1.41 0.39
CA LEU C 12 -14.18 -2.86 0.31
C LEU C 12 -15.60 -3.34 0.15
N LEU C 13 -16.61 -2.49 0.35
CA LEU C 13 -18.00 -2.91 0.27
C LEU C 13 -18.81 -2.43 -0.90
N THR C 14 -18.32 -2.64 -2.10
CA THR C 14 -19.01 -2.23 -3.34
C THR C 14 -19.47 -0.78 -3.32
N ASP C 15 -20.75 -0.47 -3.32
CA ASP C 15 -21.37 0.83 -3.39
C ASP C 15 -21.27 1.67 -2.13
N GLU C 16 -20.74 1.07 -1.09
CA GLU C 16 -20.45 1.79 0.15
C GLU C 16 -19.21 2.63 -0.04
N ALA C 17 -18.48 2.47 -1.12
CA ALA C 17 -17.34 3.30 -1.46
C ALA C 17 -17.70 4.65 -2.10
N ILE C 18 -18.95 4.89 -2.49
CA ILE C 18 -19.41 6.08 -3.19
C ILE C 18 -18.90 7.38 -2.60
N GLY C 19 -18.97 7.60 -1.30
CA GLY C 19 -18.53 8.83 -0.70
C GLY C 19 -17.05 9.10 -0.90
N VAL C 20 -16.25 8.06 -0.73
CA VAL C 20 -14.80 8.11 -0.94
C VAL C 20 -14.47 8.42 -2.40
N ARG C 21 -15.07 7.74 -3.34
CA ARG C 21 -14.89 7.93 -4.76
C ARG C 21 -15.36 9.33 -5.19
N ILE C 22 -16.39 9.90 -4.59
CA ILE C 22 -16.82 11.26 -4.94
C ILE C 22 -15.75 12.29 -4.60
N VAL C 23 -15.20 12.19 -3.40
CA VAL C 23 -14.14 13.07 -2.90
C VAL C 23 -12.82 12.86 -3.61
N GLU C 24 -12.57 11.68 -4.14
CA GLU C 24 -11.35 11.43 -4.89
C GLU C 24 -11.49 12.11 -6.25
N ALA C 25 -12.66 12.00 -6.86
CA ALA C 25 -12.90 12.61 -8.16
C ALA C 25 -12.80 14.15 -8.10
N LEU C 26 -13.25 14.76 -7.01
CA LEU C 26 -13.20 16.20 -6.82
C LEU C 26 -11.74 16.70 -6.78
N GLU C 27 -10.92 16.03 -5.97
CA GLU C 27 -9.53 16.38 -5.79
C GLU C 27 -8.76 16.20 -7.08
N GLN C 28 -9.12 15.21 -7.85
CA GLN C 28 -8.44 14.89 -9.11
C GLN C 28 -8.88 15.78 -10.26
N ARG C 29 -10.11 16.26 -10.30
CA ARG C 29 -10.59 17.05 -11.39
C ARG C 29 -10.66 18.55 -11.23
N TYR C 30 -10.62 19.11 -10.05
CA TYR C 30 -10.84 20.51 -9.82
C TYR C 30 -9.70 21.12 -9.02
N ILE C 31 -9.51 22.42 -9.23
CA ILE C 31 -8.52 23.20 -8.48
C ILE C 31 -9.38 23.98 -7.51
N LEU C 32 -9.05 23.91 -6.23
CA LEU C 32 -9.84 24.60 -5.21
C LEU C 32 -8.93 25.52 -4.42
N PRO C 33 -9.46 26.58 -3.82
CA PRO C 33 -8.68 27.41 -2.94
C PRO C 33 -8.12 26.57 -1.79
N ASP C 34 -7.07 27.05 -1.16
CA ASP C 34 -6.40 26.44 -0.05
C ASP C 34 -7.22 26.27 1.23
N TYR C 35 -8.21 27.13 1.48
CA TYR C 35 -9.01 26.98 2.67
C TYR C 35 -10.10 25.91 2.51
N VAL C 36 -10.18 25.17 1.41
CA VAL C 36 -11.13 24.10 1.23
C VAL C 36 -10.37 22.81 1.56
N GLU C 37 -10.67 22.13 2.68
CA GLU C 37 -9.91 20.88 2.88
C GLU C 37 -10.73 19.70 2.41
N ILE C 38 -10.09 18.72 1.83
CA ILE C 38 -10.67 17.50 1.33
C ILE C 38 -10.12 16.33 2.16
N LEU C 39 -11.00 15.53 2.76
CA LEU C 39 -10.56 14.41 3.59
C LEU C 39 -11.34 13.14 3.38
N ASP C 40 -10.57 12.07 3.17
CA ASP C 40 -11.10 10.72 3.13
C ASP C 40 -11.17 10.24 4.60
N GLY C 41 -12.34 10.23 5.21
CA GLY C 41 -12.47 9.83 6.61
C GLY C 41 -12.79 8.34 6.76
N GLY C 42 -12.96 7.56 5.70
CA GLY C 42 -13.29 6.17 5.81
C GLY C 42 -14.45 5.90 6.78
N THR C 43 -14.25 4.89 7.65
CA THR C 43 -15.30 4.54 8.61
C THR C 43 -14.97 5.04 10.00
N ALA C 44 -14.06 5.99 10.10
CA ALA C 44 -13.66 6.55 11.39
C ALA C 44 -14.80 7.31 12.05
N GLY C 45 -14.66 7.48 13.36
CA GLY C 45 -15.63 8.22 14.15
C GLY C 45 -15.02 9.40 14.87
N MET C 46 -14.90 9.22 16.20
CA MET C 46 -14.41 10.26 17.09
C MET C 46 -13.00 10.72 16.83
N GLU C 47 -12.17 9.98 16.09
CA GLU C 47 -10.88 10.48 15.67
C GLU C 47 -10.99 11.63 14.67
N LEU C 48 -12.16 11.91 14.11
CA LEU C 48 -12.38 12.97 13.13
C LEU C 48 -12.83 14.24 13.82
N LEU C 49 -13.10 14.15 15.14
CA LEU C 49 -13.55 15.28 15.92
C LEU C 49 -12.84 16.60 15.69
N GLY C 50 -11.52 16.61 15.69
CA GLY C 50 -10.74 17.83 15.49
C GLY C 50 -10.85 18.35 14.06
N ASP C 51 -10.91 17.47 13.07
CA ASP C 51 -11.03 17.88 11.68
C ASP C 51 -12.37 18.56 11.43
N MET C 52 -13.45 17.96 11.92
CA MET C 52 -14.79 18.44 11.76
C MET C 52 -15.24 19.68 12.49
N ALA C 53 -14.49 20.15 13.48
CA ALA C 53 -14.81 21.31 14.27
C ALA C 53 -14.50 22.64 13.58
N ASN C 54 -15.21 23.68 13.98
CA ASN C 54 -14.99 25.03 13.50
C ASN C 54 -14.99 25.18 11.99
N ARG C 55 -16.04 24.66 11.36
CA ARG C 55 -16.15 24.73 9.90
C ARG C 55 -17.32 25.64 9.57
N ASP C 56 -17.09 26.48 8.57
CA ASP C 56 -18.17 27.38 8.10
C ASP C 56 -19.13 26.51 7.28
N HIS C 57 -18.54 25.54 6.54
CA HIS C 57 -19.46 24.65 5.81
C HIS C 57 -18.86 23.25 5.88
N LEU C 58 -19.68 22.28 6.29
CA LEU C 58 -19.15 20.91 6.28
C LEU C 58 -19.98 20.12 5.26
N ILE C 59 -19.28 19.46 4.33
CA ILE C 59 -19.91 18.78 3.23
C ILE C 59 -19.50 17.32 3.32
N ILE C 60 -20.49 16.45 3.51
CA ILE C 60 -20.22 15.04 3.63
C ILE C 60 -20.78 14.30 2.44
N ALA C 61 -20.01 13.36 1.87
CA ALA C 61 -20.56 12.45 0.88
C ALA C 61 -20.60 11.03 1.46
N ASP C 62 -21.68 10.29 1.21
CA ASP C 62 -21.79 8.91 1.71
C ASP C 62 -22.90 8.09 1.10
N ALA C 63 -22.87 6.77 1.29
CA ALA C 63 -23.98 5.93 0.81
C ALA C 63 -25.11 6.05 1.82
N ILE C 64 -26.34 6.16 1.31
CA ILE C 64 -27.53 6.23 2.19
C ILE C 64 -28.14 4.84 2.24
N VAL C 65 -28.08 4.21 3.42
CA VAL C 65 -28.55 2.83 3.52
C VAL C 65 -29.79 2.61 4.38
N SER C 66 -30.38 3.65 4.94
CA SER C 66 -31.52 3.52 5.82
C SER C 66 -32.81 4.07 5.24
N LYS C 67 -32.91 4.13 3.91
CA LYS C 67 -34.10 4.65 3.25
C LYS C 67 -34.53 3.72 2.11
N LYS C 68 -35.82 3.52 1.98
CA LYS C 68 -36.40 2.68 0.95
C LYS C 68 -36.70 3.44 -0.33
N ASN C 69 -35.68 3.79 -1.08
CA ASN C 69 -35.80 4.46 -2.37
C ASN C 69 -34.98 3.60 -3.35
N ALA C 70 -35.15 3.78 -4.65
CA ALA C 70 -34.43 2.91 -5.58
C ALA C 70 -32.93 3.16 -5.60
N PRO C 71 -32.18 2.10 -5.83
CA PRO C 71 -30.74 2.18 -5.95
C PRO C 71 -30.37 3.27 -6.94
N GLY C 72 -29.29 4.03 -6.71
CA GLY C 72 -28.93 5.07 -7.65
C GLY C 72 -29.59 6.40 -7.37
N THR C 73 -30.60 6.47 -6.52
CA THR C 73 -31.23 7.73 -6.15
C THR C 73 -30.24 8.61 -5.36
N MET C 74 -30.23 9.90 -5.70
CA MET C 74 -29.39 10.85 -4.98
C MET C 74 -30.23 11.70 -4.06
N MET C 75 -29.84 11.91 -2.81
CA MET C 75 -30.58 12.69 -1.86
C MET C 75 -29.62 13.73 -1.25
N ILE C 76 -30.10 14.95 -1.02
CA ILE C 76 -29.29 16.00 -0.43
C ILE C 76 -29.97 16.44 0.85
N LEU C 77 -29.30 16.39 1.99
CA LEU C 77 -29.93 16.67 3.25
C LEU C 77 -29.05 17.72 3.92
N ARG C 78 -29.70 18.66 4.59
CA ARG C 78 -28.99 19.81 5.13
C ARG C 78 -29.24 19.95 6.63
N ASP C 79 -28.27 20.53 7.30
CA ASP C 79 -28.32 20.91 8.71
C ASP C 79 -28.91 19.87 9.63
N GLU C 80 -30.00 20.14 10.35
CA GLU C 80 -30.55 19.18 11.30
C GLU C 80 -30.96 17.86 10.69
N GLU C 81 -31.29 17.77 9.40
CA GLU C 81 -31.60 16.46 8.84
C GLU C 81 -30.38 15.53 8.83
N VAL C 82 -29.12 15.98 8.91
CA VAL C 82 -28.07 14.98 8.71
C VAL C 82 -27.81 14.19 9.99
N PRO C 83 -27.71 14.77 11.17
CA PRO C 83 -27.64 14.06 12.42
C PRO C 83 -28.76 13.05 12.54
N ALA C 84 -30.01 13.49 12.32
CA ALA C 84 -31.15 12.61 12.33
C ALA C 84 -30.94 11.42 11.40
N LEU C 85 -30.53 11.67 10.14
CA LEU C 85 -30.30 10.56 9.24
C LEU C 85 -29.23 9.61 9.76
N PHE C 86 -28.14 10.13 10.32
CA PHE C 86 -27.04 9.28 10.77
C PHE C 86 -27.42 8.48 12.01
N THR C 87 -28.43 8.89 12.76
CA THR C 87 -28.88 8.16 13.95
C THR C 87 -29.76 6.99 13.54
N ASN C 88 -29.13 5.89 13.15
CA ASN C 88 -29.85 4.72 12.68
C ASN C 88 -29.13 3.49 13.21
N LYS C 89 -29.64 2.30 13.01
CA LYS C 89 -29.03 1.10 13.56
C LYS C 89 -28.62 0.18 12.42
N ILE C 90 -28.60 0.73 11.21
CA ILE C 90 -28.21 -0.05 10.04
C ILE C 90 -26.72 0.13 9.78
N SER C 91 -26.26 1.38 9.96
CA SER C 91 -24.85 1.65 9.68
C SER C 91 -24.13 2.20 10.90
N PRO C 92 -23.26 1.36 11.50
CA PRO C 92 -22.46 1.73 12.63
C PRO C 92 -21.58 2.93 12.38
N HIS C 93 -20.90 2.99 11.20
CA HIS C 93 -20.04 4.19 11.01
C HIS C 93 -20.88 5.45 10.94
N GLN C 94 -22.13 5.41 10.48
CA GLN C 94 -22.95 6.65 10.51
C GLN C 94 -23.30 7.04 11.91
N LEU C 95 -23.56 6.05 12.78
CA LEU C 95 -23.90 6.34 14.18
C LEU C 95 -22.70 6.94 14.89
N GLY C 96 -21.49 6.48 14.57
CA GLY C 96 -20.27 7.14 15.14
C GLY C 96 -20.18 8.60 14.70
N LEU C 97 -20.59 8.92 13.47
CA LEU C 97 -20.58 10.30 12.97
C LEU C 97 -21.62 11.15 13.69
N ALA C 98 -22.77 10.54 13.99
CA ALA C 98 -23.77 11.22 14.80
C ALA C 98 -23.23 11.48 16.20
N ASP C 99 -22.42 10.59 16.77
CA ASP C 99 -21.82 10.94 18.07
C ASP C 99 -20.85 12.10 17.95
N VAL C 100 -20.07 12.14 16.86
CA VAL C 100 -19.15 13.27 16.71
C VAL C 100 -19.93 14.57 16.61
N LEU C 101 -21.02 14.57 15.85
CA LEU C 101 -21.79 15.80 15.69
C LEU C 101 -22.38 16.26 17.01
N SER C 102 -22.82 15.35 17.88
CA SER C 102 -23.34 15.74 19.20
C SER C 102 -22.23 16.35 20.07
N ALA C 103 -21.04 15.74 20.05
CA ALA C 103 -19.94 16.31 20.81
C ALA C 103 -19.72 17.76 20.41
N LEU C 104 -19.66 18.03 19.10
CA LEU C 104 -19.43 19.36 18.55
C LEU C 104 -20.50 20.37 18.96
N ARG C 105 -21.73 19.87 19.04
CA ARG C 105 -22.86 20.69 19.47
C ARG C 105 -22.69 21.08 20.94
N PHE C 106 -22.24 20.12 21.73
CA PHE C 106 -21.94 20.34 23.14
C PHE C 106 -20.88 21.41 23.30
N THR C 107 -19.82 21.41 22.48
CA THR C 107 -18.74 22.37 22.70
C THR C 107 -18.85 23.66 21.89
N GLY C 108 -20.04 23.92 21.33
CA GLY C 108 -20.23 25.12 20.50
C GLY C 108 -19.38 25.15 19.24
N GLU C 109 -19.08 24.03 18.59
CA GLU C 109 -18.24 24.09 17.39
C GLU C 109 -18.87 23.34 16.21
N PHE C 110 -20.19 23.30 16.28
CA PHE C 110 -21.01 22.65 15.27
C PHE C 110 -20.88 23.45 13.97
N PRO C 111 -20.80 22.78 12.86
CA PRO C 111 -20.66 23.45 11.57
C PRO C 111 -21.76 24.47 11.35
N LYS C 112 -21.41 25.64 10.84
CA LYS C 112 -22.41 26.68 10.60
C LYS C 112 -23.37 26.17 9.53
N LYS C 113 -22.82 25.46 8.53
CA LYS C 113 -23.70 24.89 7.51
C LYS C 113 -23.30 23.44 7.32
N LEU C 114 -24.24 22.54 7.09
CA LEU C 114 -23.89 21.15 6.93
C LEU C 114 -24.67 20.65 5.71
N THR C 115 -23.97 19.94 4.82
CA THR C 115 -24.67 19.41 3.66
C THR C 115 -24.26 17.95 3.47
N LEU C 116 -25.20 17.04 3.32
CA LEU C 116 -24.82 15.65 3.03
C LEU C 116 -25.21 15.39 1.57
N VAL C 117 -24.28 14.92 0.76
CA VAL C 117 -24.72 14.43 -0.55
C VAL C 117 -24.62 12.91 -0.58
N GLY C 118 -25.83 12.31 -0.67
CA GLY C 118 -25.96 10.87 -0.53
C GLY C 118 -26.49 10.10 -1.70
N VAL C 119 -26.02 8.85 -1.86
CA VAL C 119 -26.55 8.00 -2.92
C VAL C 119 -26.91 6.63 -2.39
N ILE C 120 -28.10 6.15 -2.76
CA ILE C 120 -28.55 4.84 -2.30
C ILE C 120 -27.93 3.75 -3.16
N PRO C 121 -27.22 2.83 -2.49
CA PRO C 121 -26.47 1.78 -3.12
C PRO C 121 -27.32 0.70 -3.74
N GLU C 122 -26.77 0.02 -4.71
CA GLU C 122 -27.40 -1.13 -5.31
C GLU C 122 -26.90 -2.38 -4.56
N SER C 123 -25.59 -2.50 -4.39
CA SER C 123 -25.04 -3.66 -3.69
C SER C 123 -24.04 -3.26 -2.62
N LEU C 124 -23.97 -4.03 -1.54
CA LEU C 124 -23.07 -3.82 -0.41
C LEU C 124 -22.20 -5.06 -0.18
N GLU C 125 -22.00 -5.87 -1.21
CA GLU C 125 -21.15 -7.05 -1.09
C GLU C 125 -19.67 -6.75 -0.92
N PRO C 126 -18.96 -7.65 -0.28
CA PRO C 126 -17.50 -7.54 -0.09
C PRO C 126 -16.87 -7.56 -1.49
N HIS C 127 -16.33 -6.44 -1.95
CA HIS C 127 -15.81 -6.32 -3.31
C HIS C 127 -15.34 -4.89 -3.57
N ILE C 128 -14.24 -4.74 -4.30
CA ILE C 128 -13.75 -3.40 -4.66
C ILE C 128 -14.25 -3.06 -6.06
N GLY C 129 -15.15 -2.06 -6.14
CA GLY C 129 -15.68 -1.70 -7.45
C GLY C 129 -17.14 -1.31 -7.30
N LEU C 130 -17.51 -0.16 -7.86
CA LEU C 130 -18.89 0.28 -7.76
C LEU C 130 -19.73 -0.49 -8.79
N THR C 131 -21.00 -0.57 -8.51
CA THR C 131 -21.98 -1.09 -9.49
C THR C 131 -22.09 -0.05 -10.58
N PRO C 132 -22.50 -0.42 -11.79
CA PRO C 132 -22.66 0.50 -12.89
C PRO C 132 -23.67 1.58 -12.58
N THR C 133 -24.76 1.26 -11.90
CA THR C 133 -25.79 2.22 -11.58
C THR C 133 -25.32 3.23 -10.53
N VAL C 134 -24.38 2.90 -9.64
CA VAL C 134 -23.92 3.90 -8.68
C VAL C 134 -22.79 4.72 -9.25
N GLU C 135 -21.99 4.10 -10.11
CA GLU C 135 -20.88 4.70 -10.77
C GLU C 135 -21.34 5.86 -11.65
N ALA C 136 -22.51 5.73 -12.27
CA ALA C 136 -23.06 6.75 -13.14
C ALA C 136 -23.50 7.98 -12.38
N MET C 137 -23.62 7.87 -11.05
CA MET C 137 -24.03 8.96 -10.19
C MET C 137 -22.86 9.77 -9.65
N ILE C 138 -21.63 9.45 -10.01
CA ILE C 138 -20.48 10.20 -9.51
C ILE C 138 -20.51 11.65 -10.03
N GLU C 139 -20.83 11.84 -11.29
CA GLU C 139 -20.82 13.16 -11.96
C GLU C 139 -21.90 14.08 -11.40
N PRO C 140 -23.15 13.59 -11.33
CA PRO C 140 -24.23 14.31 -10.70
C PRO C 140 -23.95 14.62 -9.23
N ALA C 141 -23.40 13.68 -8.46
CA ALA C 141 -23.08 13.93 -7.06
C ALA C 141 -21.95 14.94 -6.91
N LEU C 142 -20.97 14.89 -7.82
CA LEU C 142 -19.89 15.86 -7.87
C LEU C 142 -20.44 17.26 -8.19
N GLU C 143 -21.44 17.37 -9.06
CA GLU C 143 -22.07 18.67 -9.33
C GLU C 143 -22.74 19.21 -8.10
N GLN C 144 -23.34 18.30 -7.30
CA GLN C 144 -23.96 18.75 -6.05
C GLN C 144 -22.92 19.25 -5.07
N VAL C 145 -21.73 18.62 -4.96
CA VAL C 145 -20.79 19.18 -3.99
C VAL C 145 -20.27 20.52 -4.51
N LEU C 146 -20.09 20.67 -5.79
CA LEU C 146 -19.69 21.94 -6.41
C LEU C 146 -20.71 23.02 -6.12
N ALA C 147 -22.01 22.71 -6.17
CA ALA C 147 -23.03 23.68 -5.85
C ALA C 147 -22.96 24.09 -4.40
N ALA C 148 -22.75 23.12 -3.50
CA ALA C 148 -22.72 23.45 -2.06
C ALA C 148 -21.51 24.30 -1.70
N LEU C 149 -20.39 24.07 -2.39
CA LEU C 149 -19.20 24.91 -2.30
C LEU C 149 -19.40 26.34 -2.85
N ARG C 150 -20.09 26.45 -3.96
CA ARG C 150 -20.41 27.74 -4.62
C ARG C 150 -21.32 28.56 -3.77
N GLU C 151 -22.22 27.90 -3.02
CA GLU C 151 -23.11 28.58 -2.09
C GLU C 151 -22.34 29.23 -0.96
N SER C 152 -21.15 28.71 -0.65
CA SER C 152 -20.33 29.29 0.40
C SER C 152 -19.30 30.23 -0.25
N GLY C 153 -19.49 30.58 -1.53
CA GLY C 153 -18.64 31.46 -2.25
C GLY C 153 -17.40 30.88 -2.88
N VAL C 154 -17.25 29.57 -3.00
CA VAL C 154 -16.04 29.09 -3.64
C VAL C 154 -16.36 28.59 -5.04
N GLU C 155 -15.53 29.01 -6.01
CA GLU C 155 -15.72 28.53 -7.38
C GLU C 155 -14.56 27.58 -7.67
N ALA C 156 -14.95 26.38 -8.05
CA ALA C 156 -13.94 25.35 -8.31
C ALA C 156 -13.54 25.48 -9.78
N ILE C 157 -12.27 25.39 -10.11
CA ILE C 157 -11.88 25.42 -11.52
C ILE C 157 -11.54 24.02 -11.98
N PRO C 158 -12.16 23.57 -13.07
CA PRO C 158 -11.81 22.30 -13.65
C PRO C 158 -10.34 22.34 -14.06
N ARG C 159 -9.60 21.25 -13.86
CA ARG C 159 -8.18 21.17 -14.20
C ARG C 159 -7.94 21.21 -15.70
N SER C 160 -8.98 20.91 -16.47
CA SER C 160 -8.90 20.98 -17.92
C SER C 160 -8.84 22.41 -18.45
N ASP C 161 -9.19 23.42 -17.66
CA ASP C 161 -9.02 24.82 -17.91
C ASP C 161 -7.72 25.27 -17.25
N SER C 162 -6.66 24.51 -17.44
CA SER C 162 -5.40 24.75 -16.79
C SER C 162 -4.30 24.30 -17.76
N MET D 1 -1.03 38.16 -46.77
CA MET D 1 -0.30 37.67 -45.55
C MET D 1 -1.31 37.50 -44.41
N ARG D 2 -1.38 36.30 -43.84
CA ARG D 2 -2.31 36.11 -42.73
C ARG D 2 -1.55 35.77 -41.45
N ILE D 3 -1.73 36.59 -40.43
CA ILE D 3 -1.00 36.42 -39.17
C ILE D 3 -1.95 36.41 -37.99
N LEU D 4 -1.73 35.49 -37.05
CA LEU D 4 -2.56 35.43 -35.86
C LEU D 4 -1.64 35.38 -34.61
N VAL D 5 -1.87 36.29 -33.69
CA VAL D 5 -1.26 36.32 -32.39
C VAL D 5 -2.31 35.77 -31.40
N LEU D 6 -2.11 34.59 -30.87
CA LEU D 6 -3.06 33.89 -30.00
C LEU D 6 -2.59 33.86 -28.55
N GLY D 7 -3.31 34.49 -27.65
CA GLY D 7 -2.97 34.47 -26.22
C GLY D 7 -3.88 33.38 -25.61
N VAL D 8 -3.29 32.39 -24.92
CA VAL D 8 -4.14 31.33 -24.32
C VAL D 8 -3.82 31.27 -22.84
N GLY D 9 -4.71 30.62 -22.06
CA GLY D 9 -4.45 30.54 -20.60
C GLY D 9 -5.75 30.81 -19.84
N ASN D 10 -5.65 30.95 -18.55
CA ASN D 10 -6.79 31.15 -17.67
C ASN D 10 -6.44 32.20 -16.66
N ILE D 11 -7.15 33.30 -16.74
CA ILE D 11 -6.98 34.45 -15.85
C ILE D 11 -7.21 34.14 -14.39
N LEU D 12 -8.01 33.09 -14.11
CA LEU D 12 -8.34 32.69 -12.75
C LEU D 12 -7.25 31.93 -12.03
N LEU D 13 -6.21 31.49 -12.77
CA LEU D 13 -5.14 30.76 -12.14
C LEU D 13 -3.80 31.48 -12.02
N THR D 14 -3.77 32.63 -11.37
CA THR D 14 -2.52 33.37 -11.14
C THR D 14 -1.70 33.51 -12.42
N ASP D 15 -0.51 32.94 -12.47
CA ASP D 15 0.45 33.05 -13.53
C ASP D 15 0.10 32.33 -14.82
N GLU D 16 -0.98 31.55 -14.84
CA GLU D 16 -1.46 30.88 -16.03
C GLU D 16 -2.21 31.88 -16.88
N ALA D 17 -2.43 33.10 -16.40
CA ALA D 17 -2.94 34.22 -17.15
C ALA D 17 -1.90 34.86 -18.11
N ILE D 18 -0.62 34.63 -17.91
CA ILE D 18 0.45 35.27 -18.66
C ILE D 18 0.20 35.39 -20.14
N GLY D 19 -0.20 34.37 -20.87
CA GLY D 19 -0.45 34.44 -22.30
C GLY D 19 -1.49 35.47 -22.66
N VAL D 20 -2.57 35.48 -21.87
CA VAL D 20 -3.70 36.40 -22.11
C VAL D 20 -3.28 37.84 -21.85
N ARG D 21 -2.52 38.05 -20.76
CA ARG D 21 -2.00 39.38 -20.45
C ARG D 21 -0.98 39.92 -21.45
N ILE D 22 -0.20 39.04 -22.07
CA ILE D 22 0.77 39.47 -23.08
C ILE D 22 0.08 40.04 -24.29
N VAL D 23 -0.91 39.30 -24.79
CA VAL D 23 -1.72 39.69 -25.94
C VAL D 23 -2.62 40.89 -25.63
N GLU D 24 -3.07 41.11 -24.41
CA GLU D 24 -3.83 42.31 -24.07
C GLU D 24 -2.89 43.52 -24.12
N ALA D 25 -1.67 43.38 -23.60
CA ALA D 25 -0.67 44.43 -23.61
C ALA D 25 -0.31 44.87 -25.03
N LEU D 26 -0.18 43.96 -25.96
CA LEU D 26 0.13 44.18 -27.34
C LEU D 26 -0.93 45.05 -28.01
N GLU D 27 -2.17 44.61 -27.89
CA GLU D 27 -3.32 45.31 -28.46
C GLU D 27 -3.47 46.72 -27.90
N GLN D 28 -3.24 46.91 -26.63
CA GLN D 28 -3.34 48.19 -25.96
C GLN D 28 -2.18 49.13 -26.25
N ARG D 29 -0.95 48.65 -26.52
CA ARG D 29 0.18 49.51 -26.69
C ARG D 29 0.62 49.76 -28.11
N TYR D 30 0.28 48.92 -29.08
CA TYR D 30 0.83 49.00 -30.40
C TYR D 30 -0.23 49.11 -31.48
N ILE D 31 0.15 49.79 -32.56
CA ILE D 31 -0.71 49.86 -33.74
C ILE D 31 -0.15 48.83 -34.72
N LEU D 32 -0.96 47.90 -35.16
CA LEU D 32 -0.57 46.87 -36.10
C LEU D 32 -1.38 46.98 -37.38
N PRO D 33 -0.84 46.52 -38.50
CA PRO D 33 -1.59 46.40 -39.73
C PRO D 33 -2.82 45.51 -39.52
N ASP D 34 -3.84 45.71 -40.36
CA ASP D 34 -5.09 45.01 -40.32
C ASP D 34 -5.02 43.52 -40.60
N TYR D 35 -3.98 43.02 -41.25
CA TYR D 35 -3.90 41.59 -41.48
C TYR D 35 -3.30 40.80 -40.31
N VAL D 36 -2.98 41.43 -39.20
CA VAL D 36 -2.45 40.81 -38.00
C VAL D 36 -3.66 40.68 -37.08
N GLU D 37 -4.15 39.47 -36.86
CA GLU D 37 -5.31 39.34 -35.94
C GLU D 37 -4.79 38.98 -34.55
N ILE D 38 -5.43 39.55 -33.53
CA ILE D 38 -5.05 39.28 -32.14
C ILE D 38 -6.22 38.57 -31.46
N LEU D 39 -6.00 37.39 -30.89
CA LEU D 39 -7.12 36.67 -30.27
C LEU D 39 -6.78 36.08 -28.91
N ASP D 40 -7.65 36.33 -27.94
CA ASP D 40 -7.61 35.73 -26.63
C ASP D 40 -8.38 34.39 -26.78
N GLY D 41 -7.67 33.27 -26.83
CA GLY D 41 -8.29 31.98 -27.02
C GLY D 41 -8.55 31.27 -25.69
N GLY D 42 -8.34 31.86 -24.55
CA GLY D 42 -8.54 31.25 -23.25
C GLY D 42 -8.07 29.79 -23.22
N THR D 43 -8.91 28.90 -22.69
CA THR D 43 -8.57 27.49 -22.59
C THR D 43 -9.34 26.66 -23.62
N ALA D 44 -9.85 27.28 -24.65
CA ALA D 44 -10.56 26.59 -25.73
C ALA D 44 -9.63 25.69 -26.53
N GLY D 45 -10.21 24.73 -27.24
CA GLY D 45 -9.52 23.80 -28.08
C GLY D 45 -9.96 23.87 -29.53
N MET D 46 -10.68 22.83 -29.96
CA MET D 46 -11.17 22.65 -31.30
C MET D 46 -12.09 23.72 -31.80
N GLU D 47 -12.67 24.56 -30.94
CA GLU D 47 -13.40 25.72 -31.40
C GLU D 47 -12.50 26.77 -32.06
N LEU D 48 -11.20 26.74 -31.85
CA LEU D 48 -10.24 27.66 -32.45
C LEU D 48 -9.77 27.19 -33.81
N LEU D 49 -10.12 25.97 -34.21
CA LEU D 49 -9.69 25.39 -35.48
C LEU D 49 -9.76 26.36 -36.65
N GLY D 50 -10.92 27.00 -36.85
CA GLY D 50 -11.10 27.93 -37.95
C GLY D 50 -10.19 29.16 -37.88
N ASP D 51 -10.01 29.72 -36.70
CA ASP D 51 -9.14 30.84 -36.45
C ASP D 51 -7.66 30.53 -36.77
N MET D 52 -7.21 29.38 -36.32
CA MET D 52 -5.84 28.94 -36.48
C MET D 52 -5.41 28.47 -37.86
N ALA D 53 -6.31 28.19 -38.77
CA ALA D 53 -6.02 27.68 -40.09
C ALA D 53 -5.50 28.72 -41.07
N ASN D 54 -4.71 28.28 -42.03
CA ASN D 54 -4.22 29.13 -43.11
C ASN D 54 -3.54 30.41 -42.67
N ARG D 55 -2.57 30.27 -41.79
CA ARG D 55 -1.82 31.40 -41.27
C ARG D 55 -0.38 31.29 -41.79
N ASP D 56 0.13 32.46 -42.20
CA ASP D 56 1.55 32.50 -42.63
C ASP D 56 2.40 32.39 -41.36
N HIS D 57 1.95 33.05 -40.29
CA HIS D 57 2.72 32.93 -39.05
C HIS D 57 1.69 32.84 -37.90
N LEU D 58 1.85 31.87 -37.05
CA LEU D 58 0.98 31.75 -35.89
C LEU D 58 1.87 31.90 -34.66
N ILE D 59 1.52 32.94 -33.88
CA ILE D 59 2.33 33.19 -32.70
C ILE D 59 1.42 32.93 -31.51
N ILE D 60 1.88 32.07 -30.60
CA ILE D 60 1.12 31.77 -29.39
C ILE D 60 1.85 32.26 -28.16
N ALA D 61 1.16 32.81 -27.18
CA ALA D 61 1.79 33.13 -25.90
C ALA D 61 1.11 32.23 -24.85
N ASP D 62 1.86 31.69 -23.91
CA ASP D 62 1.29 30.81 -22.88
C ASP D 62 2.24 30.44 -21.74
N ALA D 63 1.69 29.99 -20.60
CA ALA D 63 2.53 29.57 -19.48
C ALA D 63 3.14 28.20 -19.79
N ILE D 64 4.41 28.02 -19.53
CA ILE D 64 5.04 26.70 -19.81
C ILE D 64 5.07 25.98 -18.45
N VAL D 65 4.34 24.87 -18.34
CA VAL D 65 4.22 24.21 -17.02
C VAL D 65 4.81 22.79 -16.98
N SER D 66 5.40 22.33 -18.07
CA SER D 66 5.93 20.99 -18.14
C SER D 66 7.45 20.94 -18.21
N LYS D 67 8.14 21.97 -17.73
CA LYS D 67 9.60 22.03 -17.74
C LYS D 67 10.14 22.45 -16.39
N LYS D 68 11.25 21.84 -15.99
CA LYS D 68 11.89 22.14 -14.72
C LYS D 68 12.93 23.25 -14.83
N ASN D 69 12.49 24.49 -15.02
CA ASN D 69 13.36 25.65 -15.09
C ASN D 69 12.83 26.60 -14.03
N ALA D 70 13.55 27.61 -13.61
CA ALA D 70 13.09 28.55 -12.61
C ALA D 70 11.94 29.44 -13.06
N PRO D 71 11.02 29.71 -12.13
CA PRO D 71 9.89 30.58 -12.38
C PRO D 71 10.36 31.88 -13.00
N GLY D 72 9.64 32.43 -13.99
CA GLY D 72 10.08 33.68 -14.61
C GLY D 72 10.94 33.43 -15.85
N THR D 73 11.40 32.20 -16.09
CA THR D 73 12.23 31.91 -17.25
C THR D 73 11.43 32.00 -18.55
N MET D 74 11.97 32.67 -19.56
CA MET D 74 11.24 32.79 -20.82
C MET D 74 11.76 31.76 -21.79
N MET D 75 10.90 31.08 -22.54
CA MET D 75 11.40 30.12 -23.52
C MET D 75 10.68 30.34 -24.86
N ILE D 76 11.45 30.29 -25.93
CA ILE D 76 10.92 30.49 -27.26
C ILE D 76 11.04 29.18 -28.00
N LEU D 77 9.93 28.65 -28.48
CA LEU D 77 9.93 27.41 -29.24
C LEU D 77 9.34 27.65 -30.61
N ARG D 78 9.80 26.91 -31.62
CA ARG D 78 9.44 27.18 -32.99
C ARG D 78 9.04 25.92 -33.75
N ASP D 79 8.13 26.04 -34.69
CA ASP D 79 7.66 24.98 -35.55
C ASP D 79 7.40 23.65 -34.89
N GLU D 80 8.10 22.56 -35.20
CA GLU D 80 7.86 21.24 -34.65
C GLU D 80 8.04 21.15 -33.14
N GLU D 81 8.82 22.01 -32.52
CA GLU D 81 8.91 21.97 -31.07
C GLU D 81 7.59 22.34 -30.42
N VAL D 82 6.63 23.07 -31.05
CA VAL D 82 5.51 23.50 -30.22
C VAL D 82 4.47 22.40 -30.03
N PRO D 83 4.10 21.65 -31.03
CA PRO D 83 3.22 20.49 -30.90
C PRO D 83 3.77 19.47 -29.89
N ALA D 84 5.09 19.25 -29.98
CA ALA D 84 5.79 18.36 -29.04
C ALA D 84 5.65 18.88 -27.63
N LEU D 85 5.87 20.19 -27.40
CA LEU D 85 5.72 20.72 -26.04
C LEU D 85 4.27 20.57 -25.57
N PHE D 86 3.30 20.78 -26.48
CA PHE D 86 1.90 20.79 -26.04
C PHE D 86 1.39 19.39 -25.75
N THR D 87 2.05 18.36 -26.25
CA THR D 87 1.70 16.96 -25.99
C THR D 87 2.24 16.52 -24.64
N ASN D 88 1.57 16.90 -23.57
CA ASN D 88 1.99 16.62 -22.21
C ASN D 88 0.74 16.25 -21.40
N LYS D 89 0.91 15.80 -20.17
CA LYS D 89 -0.25 15.36 -19.39
C LYS D 89 -0.44 16.24 -18.18
N ILE D 90 0.25 17.38 -18.19
CA ILE D 90 0.16 18.31 -17.07
C ILE D 90 -0.91 19.34 -17.35
N SER D 91 -1.01 19.73 -18.64
CA SER D 91 -1.94 20.80 -18.97
C SER D 91 -2.90 20.38 -20.06
N PRO D 92 -4.12 20.07 -19.66
CA PRO D 92 -5.16 19.67 -20.58
C PRO D 92 -5.43 20.65 -21.70
N HIS D 93 -5.45 21.97 -21.41
CA HIS D 93 -5.71 22.92 -22.52
C HIS D 93 -4.54 22.92 -23.51
N GLN D 94 -3.31 22.58 -23.13
CA GLN D 94 -2.24 22.47 -24.15
C GLN D 94 -2.44 21.28 -25.06
N LEU D 95 -2.84 20.14 -24.46
CA LEU D 95 -3.12 18.92 -25.23
C LEU D 95 -4.27 19.15 -26.21
N GLY D 96 -5.29 19.93 -25.83
CA GLY D 96 -6.33 20.27 -26.78
C GLY D 96 -5.74 21.06 -27.95
N LEU D 97 -4.77 21.92 -27.69
CA LEU D 97 -4.13 22.73 -28.74
C LEU D 97 -3.32 21.84 -29.66
N ALA D 98 -2.67 20.81 -29.07
CA ALA D 98 -1.93 19.84 -29.89
C ALA D 98 -2.90 19.03 -30.75
N ASP D 99 -4.16 18.80 -30.30
CA ASP D 99 -5.09 18.12 -31.21
C ASP D 99 -5.51 19.03 -32.34
N VAL D 100 -5.65 20.35 -32.03
CA VAL D 100 -5.98 21.28 -33.10
C VAL D 100 -4.86 21.30 -34.13
N LEU D 101 -3.61 21.33 -33.69
CA LEU D 101 -2.50 21.37 -34.63
C LEU D 101 -2.48 20.10 -35.47
N SER D 102 -2.74 18.93 -34.88
CA SER D 102 -2.81 17.70 -35.69
C SER D 102 -3.88 17.75 -36.79
N ALA D 103 -5.06 18.28 -36.43
CA ALA D 103 -6.15 18.41 -37.40
C ALA D 103 -5.75 19.24 -38.60
N LEU D 104 -5.11 20.39 -38.34
CA LEU D 104 -4.60 21.30 -39.36
C LEU D 104 -3.52 20.67 -40.24
N ARG D 105 -2.69 19.83 -39.64
CA ARG D 105 -1.67 19.11 -40.40
C ARG D 105 -2.35 18.16 -41.38
N PHE D 106 -3.35 17.45 -40.89
CA PHE D 106 -4.14 16.52 -41.67
C PHE D 106 -4.79 17.21 -42.86
N THR D 107 -5.35 18.39 -42.69
CA THR D 107 -6.01 19.08 -43.77
C THR D 107 -5.13 20.01 -44.60
N GLY D 108 -3.84 20.00 -44.40
CA GLY D 108 -2.90 20.82 -45.12
C GLY D 108 -3.04 22.29 -44.87
N GLU D 109 -3.40 22.66 -43.64
CA GLU D 109 -3.54 24.06 -43.29
C GLU D 109 -2.77 24.50 -42.04
N PHE D 110 -1.74 23.73 -41.78
CA PHE D 110 -0.81 23.98 -40.70
C PHE D 110 -0.12 25.30 -41.00
N PRO D 111 0.10 26.10 -39.96
CA PRO D 111 0.78 27.38 -40.10
C PRO D 111 2.15 27.22 -40.78
N LYS D 112 2.49 28.15 -41.68
CA LYS D 112 3.79 28.07 -42.37
C LYS D 112 4.91 28.26 -41.36
N LYS D 113 4.67 29.17 -40.42
CA LYS D 113 5.63 29.40 -39.33
C LYS D 113 4.86 29.36 -38.02
N LEU D 114 5.49 28.80 -36.99
CA LEU D 114 4.86 28.73 -35.68
C LEU D 114 5.85 29.13 -34.60
N THR D 115 5.44 30.11 -33.76
CA THR D 115 6.35 30.53 -32.70
C THR D 115 5.61 30.54 -31.38
N LEU D 116 6.18 29.93 -30.34
CA LEU D 116 5.55 29.97 -29.03
C LEU D 116 6.42 30.85 -28.14
N VAL D 117 5.85 31.89 -27.51
CA VAL D 117 6.61 32.58 -26.50
C VAL D 117 6.01 32.26 -25.14
N GLY D 118 6.81 31.53 -24.35
CA GLY D 118 6.36 31.00 -23.08
C GLY D 118 7.13 31.44 -21.87
N VAL D 119 6.40 31.49 -20.76
CA VAL D 119 7.02 31.86 -19.47
C VAL D 119 6.59 30.85 -18.40
N ILE D 120 7.63 30.50 -17.63
CA ILE D 120 7.36 29.51 -16.54
C ILE D 120 6.86 30.24 -15.31
N PRO D 121 5.68 29.79 -14.88
CA PRO D 121 4.95 30.40 -13.79
C PRO D 121 5.62 30.17 -12.44
N GLU D 122 5.30 31.07 -11.52
CA GLU D 122 5.74 30.90 -10.14
C GLU D 122 4.60 30.25 -9.35
N SER D 123 3.37 30.74 -9.52
CA SER D 123 2.24 30.15 -8.82
C SER D 123 1.06 29.92 -9.76
N LEU D 124 0.30 28.87 -9.48
CA LEU D 124 -0.87 28.49 -10.26
C LEU D 124 -2.10 28.39 -9.38
N GLU D 125 -2.10 29.10 -8.25
CA GLU D 125 -3.26 29.11 -7.38
C GLU D 125 -4.47 29.83 -7.96
N PRO D 126 -5.67 29.44 -7.51
CA PRO D 126 -6.90 30.08 -7.90
C PRO D 126 -6.84 31.53 -7.42
N HIS D 127 -6.71 32.50 -8.31
CA HIS D 127 -6.57 33.90 -7.95
C HIS D 127 -6.35 34.76 -9.20
N ILE D 128 -6.93 35.95 -9.24
CA ILE D 128 -6.73 36.84 -10.37
C ILE D 128 -5.59 37.80 -10.07
N GLY D 129 -4.47 37.65 -10.76
CA GLY D 129 -3.33 38.54 -10.51
C GLY D 129 -2.05 37.77 -10.69
N LEU D 130 -1.10 38.34 -11.42
CA LEU D 130 0.16 37.68 -11.67
C LEU D 130 1.02 37.88 -10.43
N THR D 131 1.99 37.02 -10.31
CA THR D 131 3.04 37.12 -9.31
C THR D 131 3.97 38.21 -9.81
N PRO D 132 4.67 38.90 -8.93
CA PRO D 132 5.60 39.95 -9.30
C PRO D 132 6.67 39.44 -10.26
N THR D 133 7.14 38.21 -10.07
CA THR D 133 8.19 37.66 -10.90
C THR D 133 7.71 37.31 -12.30
N VAL D 134 6.43 37.00 -12.48
CA VAL D 134 5.90 36.76 -13.83
C VAL D 134 5.47 38.05 -14.49
N GLU D 135 4.99 39.00 -13.71
CA GLU D 135 4.53 40.28 -14.17
C GLU D 135 5.68 41.08 -14.81
N ALA D 136 6.88 40.94 -14.28
CA ALA D 136 8.07 41.61 -14.78
C ALA D 136 8.47 41.06 -16.14
N MET D 137 8.01 39.88 -16.52
CA MET D 137 8.28 39.30 -17.82
C MET D 137 7.33 39.70 -18.94
N ILE D 138 6.33 40.52 -18.68
CA ILE D 138 5.43 40.98 -19.73
C ILE D 138 6.19 41.75 -20.81
N GLU D 139 7.00 42.70 -20.46
CA GLU D 139 7.74 43.56 -21.37
C GLU D 139 8.70 42.80 -22.26
N PRO D 140 9.56 41.99 -21.65
CA PRO D 140 10.44 41.13 -22.43
C PRO D 140 9.63 40.23 -23.34
N ALA D 141 8.56 39.61 -22.85
CA ALA D 141 7.77 38.70 -23.70
C ALA D 141 7.16 39.42 -24.89
N LEU D 142 6.71 40.63 -24.63
CA LEU D 142 6.14 41.52 -25.63
C LEU D 142 7.17 41.84 -26.72
N GLU D 143 8.41 42.15 -26.32
CA GLU D 143 9.49 42.35 -27.28
C GLU D 143 9.72 41.11 -28.12
N GLN D 144 9.65 39.91 -27.54
CA GLN D 144 9.78 38.70 -28.36
C GLN D 144 8.62 38.55 -29.34
N VAL D 145 7.37 38.89 -28.95
CA VAL D 145 6.35 38.74 -30.00
C VAL D 145 6.59 39.81 -31.11
N LEU D 146 6.97 41.02 -30.76
CA LEU D 146 7.29 42.04 -31.79
C LEU D 146 8.39 41.61 -32.75
N ALA D 147 9.45 40.95 -32.20
CA ALA D 147 10.49 40.37 -33.02
C ALA D 147 10.01 39.30 -33.95
N ALA D 148 9.17 38.35 -33.45
CA ALA D 148 8.63 37.30 -34.35
C ALA D 148 7.75 37.93 -35.42
N LEU D 149 7.00 38.97 -35.04
CA LEU D 149 6.20 39.71 -36.07
C LEU D 149 7.04 40.36 -37.15
N ARG D 150 8.09 41.05 -36.75
CA ARG D 150 9.04 41.76 -37.61
C ARG D 150 9.74 40.79 -38.54
N GLU D 151 9.96 39.56 -38.06
CA GLU D 151 10.53 38.51 -38.88
C GLU D 151 9.62 38.14 -40.04
N SER D 152 8.31 38.33 -39.93
CA SER D 152 7.38 38.12 -41.01
C SER D 152 7.10 39.42 -41.77
N GLY D 153 7.88 40.45 -41.51
CA GLY D 153 7.81 41.74 -42.14
C GLY D 153 6.84 42.73 -41.57
N VAL D 154 6.31 42.56 -40.37
CA VAL D 154 5.41 43.60 -39.87
C VAL D 154 6.12 44.44 -38.84
N GLU D 155 5.87 45.76 -38.93
CA GLU D 155 6.48 46.64 -37.93
C GLU D 155 5.30 47.22 -37.14
N ALA D 156 5.46 47.10 -35.83
CA ALA D 156 4.43 47.53 -34.91
C ALA D 156 4.79 48.96 -34.55
N ILE D 157 3.80 49.86 -34.48
CA ILE D 157 4.10 51.21 -34.04
C ILE D 157 3.53 51.41 -32.65
N PRO D 158 4.35 51.94 -31.76
CA PRO D 158 3.89 52.25 -30.41
C PRO D 158 2.77 53.27 -30.55
N ARG D 159 1.72 53.15 -29.77
CA ARG D 159 0.65 54.10 -29.75
C ARG D 159 1.08 55.45 -29.20
N SER D 160 2.15 55.52 -28.43
CA SER D 160 2.69 56.78 -27.93
C SER D 160 3.25 57.60 -29.09
N ASP D 161 3.57 57.04 -30.25
CA ASP D 161 4.13 57.71 -31.40
C ASP D 161 2.96 58.01 -32.36
N SER D 162 1.87 58.48 -31.79
CA SER D 162 0.65 58.69 -32.51
C SER D 162 -0.07 59.93 -32.02
N MET E 1 -18.46 -21.11 -6.70
CA MET E 1 -17.76 -21.48 -5.42
C MET E 1 -18.79 -21.75 -4.34
N ARG E 2 -18.70 -22.92 -3.71
CA ARG E 2 -19.65 -23.25 -2.66
C ARG E 2 -18.89 -23.53 -1.37
N ILE E 3 -19.19 -22.74 -0.33
CA ILE E 3 -18.53 -22.82 0.94
C ILE E 3 -19.54 -22.93 2.09
N LEU E 4 -19.27 -23.85 3.03
CA LEU E 4 -20.14 -23.96 4.21
C LEU E 4 -19.25 -23.85 5.46
N VAL E 5 -19.58 -22.96 6.35
CA VAL E 5 -19.06 -22.87 7.67
C VAL E 5 -20.06 -23.57 8.60
N LEU E 6 -19.73 -24.69 9.19
CA LEU E 6 -20.62 -25.48 10.04
C LEU E 6 -20.20 -25.46 11.51
N GLY E 7 -21.03 -24.93 12.38
CA GLY E 7 -20.73 -24.90 13.82
C GLY E 7 -21.56 -26.08 14.38
N VAL E 8 -20.95 -26.97 15.17
CA VAL E 8 -21.72 -28.13 15.68
C VAL E 8 -21.40 -28.21 17.18
N GLY E 9 -22.26 -28.92 17.91
CA GLY E 9 -22.03 -29.01 19.37
C GLY E 9 -23.37 -28.84 20.11
N ASN E 10 -23.32 -28.69 21.41
CA ASN E 10 -24.50 -28.58 22.25
C ASN E 10 -24.29 -27.47 23.24
N ILE E 11 -25.12 -26.45 23.11
CA ILE E 11 -25.13 -25.29 24.00
C ILE E 11 -25.42 -25.62 25.46
N LEU E 12 -26.10 -26.73 25.72
CA LEU E 12 -26.44 -27.14 27.07
C LEU E 12 -25.31 -27.76 27.86
N LEU E 13 -24.19 -28.10 27.22
CA LEU E 13 -23.08 -28.76 27.89
C LEU E 13 -21.81 -27.91 28.01
N THR E 14 -21.96 -26.74 28.60
CA THR E 14 -20.81 -25.87 28.89
C THR E 14 -19.90 -25.66 27.67
N ASP E 15 -18.64 -26.10 27.66
CA ASP E 15 -17.68 -25.91 26.61
C ASP E 15 -17.91 -26.66 25.32
N GLU E 16 -18.86 -27.60 25.31
CA GLU E 16 -19.28 -28.26 24.07
C GLU E 16 -20.16 -27.34 23.21
N ALA E 17 -20.45 -26.13 23.66
CA ALA E 17 -21.08 -25.10 22.82
C ALA E 17 -20.09 -24.34 21.91
N ILE E 18 -18.79 -24.47 22.13
CA ILE E 18 -17.74 -23.73 21.45
C ILE E 18 -17.95 -23.59 19.95
N GLY E 19 -18.28 -24.63 19.23
CA GLY E 19 -18.50 -24.65 17.81
C GLY E 19 -19.64 -23.75 17.34
N VAL E 20 -20.71 -23.81 18.16
CA VAL E 20 -21.90 -23.01 17.87
C VAL E 20 -21.63 -21.54 18.15
N ARG E 21 -20.92 -21.22 19.24
CA ARG E 21 -20.61 -19.87 19.58
C ARG E 21 -19.63 -19.23 18.59
N ILE E 22 -18.71 -20.02 18.01
CA ILE E 22 -17.76 -19.48 17.04
C ILE E 22 -18.49 -19.01 15.79
N VAL E 23 -19.39 -19.83 15.30
CA VAL E 23 -20.18 -19.58 14.09
C VAL E 23 -21.18 -18.45 14.33
N GLU E 24 -21.69 -18.30 15.55
CA GLU E 24 -22.59 -17.21 15.85
C GLU E 24 -21.82 -15.88 15.83
N ALA E 25 -20.63 -15.89 16.38
CA ALA E 25 -19.75 -14.72 16.41
C ALA E 25 -19.38 -14.28 15.01
N LEU E 26 -19.12 -15.18 14.08
CA LEU E 26 -18.78 -14.94 12.71
C LEU E 26 -19.89 -14.17 11.99
N GLU E 27 -21.10 -14.71 12.07
CA GLU E 27 -22.30 -14.17 11.46
C GLU E 27 -22.65 -12.80 12.02
N GLN E 28 -22.39 -12.60 13.30
CA GLN E 28 -22.70 -11.32 13.95
C GLN E 28 -21.65 -10.26 13.69
N ARG E 29 -20.40 -10.60 13.46
CA ARG E 29 -19.35 -9.60 13.37
C ARG E 29 -18.85 -9.25 11.98
N TYR E 30 -19.01 -10.11 11.00
CA TYR E 30 -18.46 -9.97 9.69
C TYR E 30 -19.51 -10.05 8.58
N ILE E 31 -19.17 -9.32 7.49
CA ILE E 31 -20.04 -9.37 6.33
C ILE E 31 -19.30 -10.33 5.41
N LEU E 32 -20.01 -11.23 4.77
CA LEU E 32 -19.40 -12.24 3.94
C LEU E 32 -20.18 -12.26 2.63
N PRO E 33 -19.56 -12.67 1.54
CA PRO E 33 -20.26 -12.90 0.31
C PRO E 33 -21.39 -13.91 0.46
N ASP E 34 -22.38 -13.83 -0.44
CA ASP E 34 -23.53 -14.70 -0.44
C ASP E 34 -23.27 -16.16 -0.68
N TYR E 35 -22.16 -16.55 -1.31
CA TYR E 35 -21.92 -17.99 -1.52
C TYR E 35 -21.28 -18.67 -0.32
N VAL E 36 -21.10 -17.99 0.81
CA VAL E 36 -20.54 -18.56 2.02
C VAL E 36 -21.78 -18.83 2.89
N GLU E 37 -22.08 -20.09 3.17
CA GLU E 37 -23.27 -20.35 4.00
C GLU E 37 -22.81 -20.69 5.41
N ILE E 38 -23.48 -20.13 6.39
CA ILE E 38 -23.18 -20.39 7.79
C ILE E 38 -24.30 -21.23 8.38
N LEU E 39 -23.98 -22.34 9.02
CA LEU E 39 -25.02 -23.19 9.60
C LEU E 39 -24.65 -23.72 10.97
N ASP E 40 -25.59 -23.55 11.89
CA ASP E 40 -25.53 -24.15 13.21
C ASP E 40 -26.10 -25.57 13.04
N GLY E 41 -25.27 -26.59 13.07
CA GLY E 41 -25.73 -27.95 12.87
C GLY E 41 -26.02 -28.70 14.14
N GLY E 42 -25.87 -28.09 15.30
CA GLY E 42 -26.08 -28.76 16.56
C GLY E 42 -25.43 -30.13 16.63
N THR E 43 -26.22 -31.09 17.15
CA THR E 43 -25.74 -32.46 17.31
C THR E 43 -26.33 -33.37 16.26
N ALA E 44 -26.84 -32.80 15.19
CA ALA E 44 -27.42 -33.56 14.10
C ALA E 44 -26.38 -34.41 13.39
N GLY E 45 -26.84 -35.36 12.59
CA GLY E 45 -26.01 -36.24 11.81
C GLY E 45 -26.36 -36.27 10.34
N MET E 46 -26.96 -37.39 9.90
CA MET E 46 -27.33 -37.57 8.51
C MET E 46 -28.35 -36.62 7.97
N GLU E 47 -29.07 -35.84 8.77
CA GLU E 47 -29.95 -34.81 8.26
C GLU E 47 -29.15 -33.65 7.64
N LEU E 48 -27.86 -33.54 7.87
CA LEU E 48 -26.98 -32.51 7.35
C LEU E 48 -26.40 -32.95 6.01
N LEU E 49 -26.62 -34.20 5.61
CA LEU E 49 -26.09 -34.75 4.37
C LEU E 49 -26.20 -33.83 3.16
N GLY E 50 -27.37 -33.28 2.89
CA GLY E 50 -27.61 -32.40 1.77
C GLY E 50 -26.85 -31.08 1.90
N ASP E 51 -26.75 -30.52 3.09
CA ASP E 51 -26.06 -29.28 3.33
C ASP E 51 -24.55 -29.39 3.09
N MET E 52 -24.00 -30.50 3.56
CA MET E 52 -22.58 -30.78 3.46
C MET E 52 -22.05 -31.19 2.11
N ALA E 53 -22.91 -31.58 1.18
CA ALA E 53 -22.48 -32.08 -0.11
C ALA E 53 -22.08 -30.97 -1.07
N ASN E 54 -21.22 -31.30 -2.02
CA ASN E 54 -20.78 -30.39 -3.07
C ASN E 54 -20.24 -29.06 -2.57
N ARG E 55 -19.26 -29.10 -1.68
CA ARG E 55 -18.70 -27.86 -1.17
C ARG E 55 -17.25 -27.77 -1.63
N ASP E 56 -16.82 -26.57 -2.00
CA ASP E 56 -15.42 -26.37 -2.39
C ASP E 56 -14.58 -26.34 -1.12
N HIS E 57 -15.12 -25.71 -0.06
CA HIS E 57 -14.42 -25.80 1.21
C HIS E 57 -15.47 -25.99 2.30
N LEU E 58 -15.27 -26.96 3.18
CA LEU E 58 -16.19 -27.17 4.29
C LEU E 58 -15.37 -26.94 5.53
N ILE E 59 -15.83 -25.98 6.35
CA ILE E 59 -15.11 -25.64 7.55
C ILE E 59 -16.03 -25.99 8.73
N ILE E 60 -15.51 -26.76 9.66
CA ILE E 60 -16.28 -27.16 10.87
C ILE E 60 -15.65 -26.64 12.15
N ALA E 61 -16.44 -26.11 13.07
CA ALA E 61 -15.92 -25.73 14.38
C ALA E 61 -16.54 -26.64 15.45
N ASP E 62 -15.70 -27.15 16.37
CA ASP E 62 -16.26 -28.03 17.38
C ASP E 62 -15.35 -28.21 18.57
N ALA E 63 -15.85 -28.71 19.69
CA ALA E 63 -15.04 -29.04 20.85
C ALA E 63 -14.32 -30.38 20.58
N ILE E 64 -13.04 -30.43 20.91
CA ILE E 64 -12.26 -31.66 20.64
C ILE E 64 -12.21 -32.37 21.99
N VAL E 65 -12.82 -33.54 22.07
CA VAL E 65 -12.89 -34.22 23.37
C VAL E 65 -12.12 -35.53 23.46
N SER E 66 -11.44 -35.95 22.38
CA SER E 66 -10.76 -37.24 22.38
C SER E 66 -9.25 -37.13 22.35
N LYS E 67 -8.70 -36.03 22.86
CA LYS E 67 -7.26 -35.81 22.87
C LYS E 67 -6.81 -35.31 24.24
N LYS E 68 -5.68 -35.78 24.71
CA LYS E 68 -5.12 -35.42 25.99
C LYS E 68 -4.21 -34.20 25.90
N ASN E 69 -4.78 -33.03 25.66
CA ASN E 69 -4.03 -31.78 25.64
C ASN E 69 -4.71 -30.86 26.67
N ALA E 70 -4.08 -29.79 27.10
CA ALA E 70 -4.70 -28.93 28.10
C ALA E 70 -5.92 -28.18 27.59
N PRO E 71 -6.89 -28.01 28.47
CA PRO E 71 -8.12 -27.28 28.16
C PRO E 71 -7.78 -25.93 27.55
N GLY E 72 -8.48 -25.52 26.49
CA GLY E 72 -8.19 -24.22 25.91
C GLY E 72 -7.25 -24.33 24.71
N THR E 73 -6.67 -25.47 24.46
CA THR E 73 -5.79 -25.70 23.35
C THR E 73 -6.58 -25.69 22.06
N MET E 74 -6.08 -24.99 21.05
CA MET E 74 -6.80 -24.96 19.76
C MET E 74 -6.05 -25.88 18.82
N MET E 75 -6.75 -26.65 18.01
CA MET E 75 -6.13 -27.59 17.10
C MET E 75 -6.82 -27.45 15.73
N ILE E 76 -5.99 -27.47 14.70
CA ILE E 76 -6.53 -27.30 13.34
C ILE E 76 -6.20 -28.59 12.61
N LEU E 77 -7.19 -29.23 12.03
CA LEU E 77 -7.00 -30.49 11.35
C LEU E 77 -7.63 -30.39 9.97
N ARG E 78 -7.01 -31.00 8.97
CA ARG E 78 -7.40 -30.77 7.60
C ARG E 78 -7.68 -32.08 6.90
N ASP E 79 -8.56 -32.07 5.91
CA ASP E 79 -8.80 -33.15 4.99
C ASP E 79 -8.94 -34.49 5.68
N GLU E 80 -8.13 -35.50 5.39
CA GLU E 80 -8.25 -36.82 5.95
C GLU E 80 -8.12 -36.90 7.45
N GLU E 81 -7.50 -35.90 8.09
CA GLU E 81 -7.42 -35.96 9.54
C GLU E 81 -8.82 -35.81 10.14
N VAL E 82 -9.80 -35.18 9.47
CA VAL E 82 -11.00 -34.87 10.27
C VAL E 82 -11.92 -36.06 10.43
N PRO E 83 -12.12 -36.87 9.40
CA PRO E 83 -12.87 -38.11 9.52
C PRO E 83 -12.24 -39.00 10.58
N ALA E 84 -10.92 -39.16 10.53
CA ALA E 84 -10.19 -39.94 11.52
C ALA E 84 -10.43 -39.40 12.92
N LEU E 85 -10.37 -38.08 13.12
CA LEU E 85 -10.63 -37.56 14.46
C LEU E 85 -12.07 -37.83 14.90
N PHE E 86 -13.02 -37.73 13.96
CA PHE E 86 -14.43 -37.90 14.33
C PHE E 86 -14.78 -39.35 14.65
N THR E 87 -14.01 -40.32 14.17
CA THR E 87 -14.21 -41.74 14.40
C THR E 87 -13.69 -42.15 15.76
N ASN E 88 -14.41 -41.83 16.82
CA ASN E 88 -14.02 -42.07 18.18
C ASN E 88 -15.26 -42.56 18.94
N LYS E 89 -15.11 -42.97 20.19
CA LYS E 89 -16.24 -43.53 20.91
C LYS E 89 -16.58 -42.67 22.11
N ILE E 90 -15.97 -41.49 22.13
CA ILE E 90 -16.25 -40.57 23.24
C ILE E 90 -17.42 -39.66 22.91
N SER E 91 -17.51 -39.18 21.67
CA SER E 91 -18.57 -38.26 21.28
C SER E 91 -19.42 -38.82 20.15
N PRO E 92 -20.66 -39.23 20.47
CA PRO E 92 -21.58 -39.80 19.52
C PRO E 92 -21.97 -38.86 18.38
N HIS E 93 -22.10 -37.56 18.68
CA HIS E 93 -22.40 -36.65 17.53
C HIS E 93 -21.23 -36.57 16.57
N GLN E 94 -19.98 -36.72 17.03
CA GLN E 94 -18.85 -36.72 16.08
C GLN E 94 -18.84 -37.95 15.20
N LEU E 95 -19.20 -39.11 15.78
CA LEU E 95 -19.27 -40.35 14.98
C LEU E 95 -20.37 -40.27 13.95
N GLY E 96 -21.49 -39.61 14.28
CA GLY E 96 -22.53 -39.39 13.24
C GLY E 96 -22.00 -38.53 12.10
N LEU E 97 -21.11 -37.56 12.41
CA LEU E 97 -20.53 -36.71 11.37
C LEU E 97 -19.58 -37.54 10.51
N ALA E 98 -18.82 -38.44 11.16
CA ALA E 98 -17.98 -39.36 10.40
C ALA E 98 -18.81 -40.24 9.46
N ASP E 99 -20.04 -40.64 9.87
CA ASP E 99 -20.87 -41.40 8.94
C ASP E 99 -21.27 -40.54 7.76
N VAL E 100 -21.62 -39.28 7.99
CA VAL E 100 -22.01 -38.38 6.89
C VAL E 100 -20.87 -38.23 5.90
N LEU E 101 -19.66 -38.03 6.43
CA LEU E 101 -18.50 -37.87 5.55
C LEU E 101 -18.26 -39.12 4.72
N SER E 102 -18.45 -40.32 5.26
CA SER E 102 -18.33 -41.56 4.49
C SER E 102 -19.35 -41.63 3.36
N ALA E 103 -20.59 -41.28 3.67
CA ALA E 103 -21.66 -41.29 2.66
C ALA E 103 -21.24 -40.43 1.49
N LEU E 104 -20.82 -39.20 1.77
CA LEU E 104 -20.37 -38.25 0.78
C LEU E 104 -19.21 -38.75 -0.08
N ARG E 105 -18.28 -39.45 0.56
CA ARG E 105 -17.17 -40.05 -0.18
C ARG E 105 -17.68 -41.11 -1.14
N PHE E 106 -18.65 -41.90 -0.69
CA PHE E 106 -19.28 -42.94 -1.50
C PHE E 106 -19.93 -42.32 -2.74
N THR E 107 -20.61 -41.19 -2.62
CA THR E 107 -21.34 -40.62 -3.75
C THR E 107 -20.53 -39.59 -4.51
N GLY E 108 -19.23 -39.51 -4.27
CA GLY E 108 -18.35 -38.56 -4.94
C GLY E 108 -18.70 -37.10 -4.69
N GLU E 109 -19.13 -36.75 -3.48
CA GLU E 109 -19.47 -35.35 -3.21
C GLU E 109 -18.79 -34.83 -1.94
N PHE E 110 -17.68 -35.48 -1.65
CA PHE E 110 -16.85 -35.13 -0.51
C PHE E 110 -16.27 -33.74 -0.75
N PRO E 111 -16.24 -32.91 0.27
CA PRO E 111 -15.69 -31.57 0.16
C PRO E 111 -14.30 -31.55 -0.47
N LYS E 112 -14.07 -30.61 -1.38
CA LYS E 112 -12.73 -30.52 -2.01
C LYS E 112 -11.70 -30.23 -0.93
N LYS E 113 -12.07 -29.33 0.00
CA LYS E 113 -11.20 -28.96 1.09
C LYS E 113 -11.99 -29.06 2.39
N LEU E 114 -11.34 -29.62 3.42
CA LEU E 114 -12.02 -29.72 4.71
C LEU E 114 -11.13 -29.16 5.80
N THR E 115 -11.65 -28.25 6.62
CA THR E 115 -10.89 -27.74 7.74
C THR E 115 -11.68 -27.86 9.03
N LEU E 116 -11.06 -28.34 10.10
CA LEU E 116 -11.70 -28.40 11.39
C LEU E 116 -10.93 -27.45 12.31
N VAL E 117 -11.63 -26.46 12.88
CA VAL E 117 -11.01 -25.70 13.95
C VAL E 117 -11.64 -26.12 15.25
N GLY E 118 -10.81 -26.73 16.07
CA GLY E 118 -11.19 -27.34 17.32
C GLY E 118 -10.59 -26.77 18.59
N VAL E 119 -11.40 -26.79 19.66
CA VAL E 119 -10.89 -26.32 20.94
C VAL E 119 -11.19 -27.37 22.01
N ILE E 120 -10.19 -27.65 22.84
CA ILE E 120 -10.37 -28.65 23.90
C ILE E 120 -10.97 -27.98 25.13
N PRO E 121 -12.08 -28.56 25.57
CA PRO E 121 -12.93 -28.00 26.59
C PRO E 121 -12.30 -28.08 27.97
N GLU E 122 -12.78 -27.21 28.86
CA GLU E 122 -12.40 -27.35 30.26
C GLU E 122 -13.47 -28.16 31.00
N SER E 123 -14.74 -27.81 30.80
CA SER E 123 -15.82 -28.54 31.46
C SER E 123 -16.95 -28.90 30.50
N LEU E 124 -17.54 -30.08 30.69
CA LEU E 124 -18.63 -30.57 29.88
C LEU E 124 -19.90 -30.76 30.71
N GLU E 125 -20.07 -30.05 31.81
CA GLU E 125 -21.24 -30.18 32.66
C GLU E 125 -22.50 -29.61 32.01
N PRO E 126 -23.65 -30.11 32.46
CA PRO E 126 -24.94 -29.61 32.01
C PRO E 126 -25.05 -28.17 32.49
N HIS E 127 -25.04 -27.21 31.56
CA HIS E 127 -25.05 -25.79 31.91
C HIS E 127 -24.89 -24.93 30.66
N ILE E 128 -25.57 -23.79 30.63
CA ILE E 128 -25.44 -22.89 29.48
C ILE E 128 -24.42 -21.81 29.84
N GLY E 129 -23.28 -21.82 29.16
CA GLY E 129 -22.26 -20.80 29.50
C GLY E 129 -20.88 -21.45 29.38
N LEU E 130 -19.99 -20.80 28.64
CA LEU E 130 -18.64 -21.27 28.45
C LEU E 130 -17.85 -20.99 29.71
N THR E 131 -16.81 -21.79 29.87
CA THR E 131 -15.81 -21.54 30.93
C THR E 131 -15.01 -20.33 30.48
N PRO E 132 -14.37 -19.61 31.38
CA PRO E 132 -13.57 -18.44 31.02
C PRO E 132 -12.41 -18.79 30.13
N THR E 133 -11.83 -19.97 30.30
CA THR E 133 -10.67 -20.38 29.51
C THR E 133 -11.06 -20.77 28.10
N VAL E 134 -12.30 -21.17 27.83
CA VAL E 134 -12.71 -21.53 26.47
C VAL E 134 -13.28 -20.32 25.77
N GLU E 135 -13.89 -19.43 26.55
CA GLU E 135 -14.47 -18.22 26.07
C GLU E 135 -13.41 -17.30 25.49
N ALA E 136 -12.21 -17.30 26.03
CA ALA E 136 -11.09 -16.49 25.61
C ALA E 136 -10.57 -16.99 24.26
N MET E 137 -10.93 -18.22 23.87
CA MET E 137 -10.48 -18.76 22.60
C MET E 137 -11.43 -18.47 21.46
N ILE E 138 -12.50 -17.72 21.71
CA ILE E 138 -13.42 -17.45 20.58
C ILE E 138 -12.76 -16.60 19.49
N GLU E 139 -12.00 -15.61 19.87
CA GLU E 139 -11.35 -14.66 18.98
C GLU E 139 -10.26 -15.26 18.13
N PRO E 140 -9.34 -16.00 18.77
CA PRO E 140 -8.33 -16.78 18.09
C PRO E 140 -8.97 -17.82 17.15
N ALA E 141 -10.04 -18.49 17.57
CA ALA E 141 -10.67 -19.49 16.69
C ALA E 141 -11.30 -18.81 15.49
N LEU E 142 -11.93 -17.64 15.78
CA LEU E 142 -12.56 -16.88 14.69
C LEU E 142 -11.51 -16.43 13.68
N GLU E 143 -10.32 -16.02 14.12
CA GLU E 143 -9.26 -15.67 13.18
C GLU E 143 -8.84 -16.85 12.32
N GLN E 144 -8.82 -18.07 12.87
CA GLN E 144 -8.51 -19.25 12.11
C GLN E 144 -9.61 -19.50 11.11
N VAL E 145 -10.92 -19.33 11.45
CA VAL E 145 -11.88 -19.63 10.37
C VAL E 145 -11.71 -18.53 9.29
N LEU E 146 -11.42 -17.31 9.63
CA LEU E 146 -11.21 -16.24 8.66
C LEU E 146 -10.04 -16.56 7.72
N ALA E 147 -8.97 -17.11 8.26
CA ALA E 147 -7.82 -17.53 7.46
C ALA E 147 -8.14 -18.67 6.54
N ALA E 148 -8.86 -19.69 7.05
CA ALA E 148 -9.26 -20.77 6.12
C ALA E 148 -10.13 -20.24 5.01
N LEU E 149 -11.05 -19.32 5.33
CA LEU E 149 -11.90 -18.69 4.31
C LEU E 149 -11.14 -17.90 3.25
N ARG E 150 -10.18 -17.10 3.67
CA ARG E 150 -9.29 -16.29 2.82
C ARG E 150 -8.44 -17.19 1.95
N GLU E 151 -8.07 -18.38 2.41
CA GLU E 151 -7.37 -19.37 1.62
C GLU E 151 -8.21 -19.85 0.44
N SER E 152 -9.54 -19.72 0.50
CA SER E 152 -10.41 -20.10 -0.57
C SER E 152 -10.78 -18.84 -1.37
N GLY E 153 -10.14 -17.71 -1.05
CA GLY E 153 -10.36 -16.49 -1.76
C GLY E 153 -11.43 -15.59 -1.23
N VAL E 154 -11.93 -15.82 -0.01
CA VAL E 154 -12.99 -14.91 0.43
C VAL E 154 -12.43 -13.98 1.52
N GLU E 155 -12.80 -12.70 1.36
CA GLU E 155 -12.33 -11.75 2.38
C GLU E 155 -13.58 -11.30 3.16
N ALA E 156 -13.46 -11.40 4.46
CA ALA E 156 -14.59 -11.09 5.35
C ALA E 156 -14.41 -9.65 5.76
N ILE E 157 -15.48 -8.86 5.81
CA ILE E 157 -15.33 -7.47 6.21
C ILE E 157 -16.03 -7.27 7.54
N PRO E 158 -15.30 -6.75 8.52
CA PRO E 158 -15.86 -6.52 9.81
C PRO E 158 -17.05 -5.58 9.64
N ARG E 159 -18.12 -5.83 10.36
CA ARG E 159 -19.30 -5.01 10.35
C ARG E 159 -19.06 -3.61 10.91
N SER E 160 -18.07 -3.41 11.75
CA SER E 160 -17.63 -2.12 12.24
C SER E 160 -17.11 -1.25 11.09
N ASP E 161 -16.61 -1.75 9.98
CA ASP E 161 -16.12 -1.03 8.82
C ASP E 161 -17.31 -0.85 7.84
N SER E 162 -18.47 -0.50 8.37
CA SER E 162 -19.70 -0.42 7.64
C SER E 162 -20.60 0.70 8.16
N MET F 1 -21.00 13.01 43.09
CA MET F 1 -19.55 12.72 42.93
C MET F 1 -19.37 11.58 41.93
N ARG F 2 -18.55 11.80 40.89
CA ARG F 2 -18.37 10.70 39.92
C ARG F 2 -16.90 10.31 39.86
N ILE F 3 -16.61 9.05 40.17
CA ILE F 3 -15.24 8.59 40.24
C ILE F 3 -15.08 7.34 39.39
N LEU F 4 -14.00 7.29 38.60
CA LEU F 4 -13.70 6.08 37.85
C LEU F 4 -12.28 5.65 38.14
N VAL F 5 -12.09 4.38 38.40
CA VAL F 5 -10.86 3.68 38.63
C VAL F 5 -10.67 2.83 37.37
N LEU F 6 -9.73 3.27 36.53
CA LEU F 6 -9.52 2.56 35.24
C LEU F 6 -8.26 1.73 35.24
N GLY F 7 -8.32 0.42 35.05
CA GLY F 7 -7.14 -0.42 34.93
C GLY F 7 -6.93 -0.68 33.41
N VAL F 8 -5.76 -0.42 32.89
CA VAL F 8 -5.44 -0.55 31.47
C VAL F 8 -4.20 -1.39 31.26
N GLY F 9 -4.08 -2.04 30.09
CA GLY F 9 -2.88 -2.90 29.89
C GLY F 9 -3.31 -4.16 29.13
N ASN F 10 -2.40 -5.12 29.05
CA ASN F 10 -2.64 -6.34 28.33
C ASN F 10 -2.16 -7.51 29.13
N ILE F 11 -3.12 -8.36 29.49
CA ILE F 11 -2.84 -9.56 30.27
C ILE F 11 -1.91 -10.52 29.56
N LEU F 12 -1.85 -10.45 28.22
CA LEU F 12 -0.99 -11.37 27.46
C LEU F 12 0.48 -10.99 27.46
N LEU F 13 0.87 -9.84 28.03
CA LEU F 13 2.25 -9.41 27.97
C LEU F 13 3.00 -9.33 29.29
N THR F 14 2.93 -10.37 30.11
CA THR F 14 3.61 -10.43 31.39
C THR F 14 3.29 -9.24 32.26
N ASP F 15 4.23 -8.37 32.62
CA ASP F 15 4.03 -7.26 33.52
C ASP F 15 3.22 -6.09 32.99
N GLU F 16 2.81 -6.14 31.73
CA GLU F 16 1.93 -5.14 31.14
C GLU F 16 0.50 -5.39 31.58
N ALA F 17 0.25 -6.51 32.27
CA ALA F 17 -0.99 -6.81 32.90
C ALA F 17 -1.20 -6.05 34.24
N ILE F 18 -0.22 -5.45 34.87
CA ILE F 18 -0.23 -4.84 36.17
C ILE F 18 -1.42 -3.92 36.42
N GLY F 19 -1.76 -3.02 35.55
CA GLY F 19 -2.92 -2.17 35.69
C GLY F 19 -4.21 -2.95 35.92
N VAL F 20 -4.45 -3.94 35.02
CA VAL F 20 -5.65 -4.76 35.08
C VAL F 20 -5.67 -5.56 36.39
N ARG F 21 -4.56 -6.13 36.81
CA ARG F 21 -4.51 -6.91 38.04
C ARG F 21 -4.74 -6.10 39.31
N ILE F 22 -4.32 -4.86 39.33
CA ILE F 22 -4.53 -3.94 40.43
C ILE F 22 -6.02 -3.69 40.64
N VAL F 23 -6.73 -3.36 39.57
CA VAL F 23 -8.17 -3.07 39.58
C VAL F 23 -9.02 -4.30 39.84
N GLU F 24 -8.55 -5.49 39.44
CA GLU F 24 -9.23 -6.71 39.78
C GLU F 24 -9.10 -6.97 41.28
N ALA F 25 -7.93 -6.72 41.88
CA ALA F 25 -7.70 -6.95 43.29
C ALA F 25 -8.57 -5.99 44.10
N LEU F 26 -8.73 -4.75 43.65
CA LEU F 26 -9.54 -3.76 44.30
C LEU F 26 -10.99 -4.24 44.46
N GLU F 27 -11.58 -4.62 43.35
CA GLU F 27 -12.96 -5.05 43.20
C GLU F 27 -13.22 -6.30 44.02
N GLN F 28 -12.26 -7.22 44.03
CA GLN F 28 -12.35 -8.44 44.84
C GLN F 28 -12.11 -8.24 46.32
N ARG F 29 -11.32 -7.29 46.81
CA ARG F 29 -11.04 -7.16 48.21
C ARG F 29 -11.80 -6.11 48.99
N TYR F 30 -12.32 -5.07 48.34
CA TYR F 30 -12.90 -3.94 49.02
C TYR F 30 -14.34 -3.69 48.65
N ILE F 31 -15.07 -3.14 49.61
CA ILE F 31 -16.43 -2.67 49.35
C ILE F 31 -16.26 -1.20 49.16
N LEU F 32 -16.81 -0.63 48.13
CA LEU F 32 -16.76 0.78 47.82
C LEU F 32 -18.18 1.26 47.63
N PRO F 33 -18.41 2.54 47.77
CA PRO F 33 -19.69 3.16 47.46
C PRO F 33 -20.05 2.99 45.99
N ASP F 34 -21.33 3.11 45.65
CA ASP F 34 -21.87 2.90 44.32
C ASP F 34 -21.44 3.93 43.31
N TYR F 35 -21.09 5.14 43.71
CA TYR F 35 -20.61 6.14 42.77
C TYR F 35 -19.13 5.98 42.39
N VAL F 36 -18.45 4.91 42.78
CA VAL F 36 -17.08 4.69 42.39
C VAL F 36 -17.20 3.61 41.30
N GLU F 37 -16.84 3.92 40.05
CA GLU F 37 -16.94 2.82 39.06
C GLU F 37 -15.55 2.26 38.83
N ILE F 38 -15.40 0.97 38.63
CA ILE F 38 -14.18 0.25 38.37
C ILE F 38 -14.28 -0.36 36.97
N LEU F 39 -13.29 -0.10 36.12
CA LEU F 39 -13.38 -0.56 34.73
C LEU F 39 -12.04 -1.06 34.23
N ASP F 40 -12.05 -2.25 33.70
CA ASP F 40 -10.92 -2.84 33.00
C ASP F 40 -11.00 -2.29 31.57
N GLY F 41 -10.12 -1.40 31.18
CA GLY F 41 -10.24 -0.81 29.83
C GLY F 41 -9.28 -1.47 28.84
N GLY F 42 -8.50 -2.44 29.27
CA GLY F 42 -7.57 -3.10 28.39
C GLY F 42 -6.73 -2.14 27.58
N THR F 43 -6.57 -2.44 26.28
CA THR F 43 -5.78 -1.60 25.41
C THR F 43 -6.65 -0.71 24.56
N ALA F 44 -7.89 -0.48 24.97
CA ALA F 44 -8.81 0.35 24.20
C ALA F 44 -8.42 1.82 24.24
N GLY F 45 -8.91 2.60 23.29
CA GLY F 45 -8.65 4.01 23.20
C GLY F 45 -9.93 4.83 23.26
N MET F 46 -10.31 5.38 22.10
CA MET F 46 -11.47 6.26 21.98
C MET F 46 -12.76 5.62 22.34
N GLU F 47 -12.89 4.29 22.37
CA GLU F 47 -14.14 3.69 22.86
C GLU F 47 -14.38 3.94 24.34
N LEU F 48 -13.40 4.42 25.10
CA LEU F 48 -13.49 4.72 26.53
C LEU F 48 -13.92 6.15 26.75
N LEU F 49 -13.88 6.98 25.70
CA LEU F 49 -14.31 8.37 25.80
C LEU F 49 -15.47 8.59 26.76
N GLY F 50 -16.62 7.94 26.51
CA GLY F 50 -17.82 8.18 27.31
C GLY F 50 -17.64 7.82 28.77
N ASP F 51 -16.90 6.74 29.06
CA ASP F 51 -16.67 6.30 30.41
C ASP F 51 -15.80 7.28 31.20
N MET F 52 -14.76 7.80 30.55
CA MET F 52 -13.83 8.72 31.13
C MET F 52 -14.31 10.15 31.27
N ALA F 53 -15.42 10.55 30.68
CA ALA F 53 -15.87 11.94 30.74
C ALA F 53 -16.58 12.30 32.04
N ASN F 54 -16.56 13.54 32.44
CA ASN F 54 -17.31 14.03 33.61
C ASN F 54 -17.03 13.29 34.91
N ARG F 55 -15.75 13.17 35.23
CA ARG F 55 -15.33 12.48 36.43
C ARG F 55 -14.71 13.53 37.38
N ASP F 56 -15.10 13.37 38.66
CA ASP F 56 -14.50 14.25 39.67
C ASP F 56 -13.05 13.80 39.92
N HIS F 57 -12.87 12.46 39.90
CA HIS F 57 -11.50 11.98 40.05
C HIS F 57 -11.35 10.76 39.12
N LEU F 58 -10.28 10.79 38.32
CA LEU F 58 -10.05 9.68 37.40
C LEU F 58 -8.73 9.08 37.84
N ILE F 59 -8.73 7.82 38.23
CA ILE F 59 -7.54 7.14 38.68
C ILE F 59 -7.25 6.05 37.66
N ILE F 60 -6.02 6.07 37.13
CA ILE F 60 -5.62 5.03 36.16
C ILE F 60 -4.49 4.21 36.72
N ALA F 61 -4.49 2.90 36.56
CA ALA F 61 -3.35 2.07 36.93
C ALA F 61 -2.77 1.53 35.62
N ASP F 62 -1.43 1.49 35.51
CA ASP F 62 -0.86 0.96 34.25
C ASP F 62 0.64 0.73 34.41
N ALA F 63 1.24 -0.03 33.48
CA ALA F 63 2.70 -0.23 33.48
C ALA F 63 3.30 1.03 32.88
N ILE F 64 4.42 1.46 33.43
CA ILE F 64 5.12 2.64 32.92
C ILE F 64 6.35 2.12 32.19
N VAL F 65 6.38 2.32 30.87
CA VAL F 65 7.40 1.68 30.04
C VAL F 65 8.34 2.68 29.38
N SER F 66 8.15 3.98 29.58
CA SER F 66 8.97 4.99 28.94
C SER F 66 9.89 5.73 29.89
N LYS F 67 10.29 5.10 30.99
CA LYS F 67 11.18 5.70 31.97
C LYS F 67 12.28 4.71 32.38
N LYS F 68 13.50 5.22 32.49
CA LYS F 68 14.67 4.45 32.89
C LYS F 68 14.85 4.36 34.40
N ASN F 69 14.03 3.60 35.08
CA ASN F 69 14.08 3.38 36.52
C ASN F 69 14.04 1.86 36.67
N ALA F 70 14.46 1.32 37.80
CA ALA F 70 14.50 -0.11 38.01
C ALA F 70 13.10 -0.76 38.02
N PRO F 71 13.04 -1.96 37.46
CA PRO F 71 11.83 -2.75 37.45
C PRO F 71 11.21 -2.83 38.83
N GLY F 72 9.88 -2.71 38.94
CA GLY F 72 9.24 -2.81 40.26
C GLY F 72 9.08 -1.45 40.92
N THR F 73 9.65 -0.39 40.38
CA THR F 73 9.53 0.95 40.92
C THR F 73 8.11 1.43 40.72
N MET F 74 7.54 2.07 41.76
CA MET F 74 6.19 2.61 41.63
C MET F 74 6.30 4.12 41.45
N MET F 75 5.53 4.69 40.55
CA MET F 75 5.57 6.14 40.33
C MET F 75 4.13 6.63 40.35
N ILE F 76 3.92 7.78 40.94
CA ILE F 76 2.57 8.35 41.03
C ILE F 76 2.62 9.68 40.29
N LEU F 77 1.79 9.87 39.27
CA LEU F 77 1.79 11.12 38.52
C LEU F 77 0.43 11.73 38.57
N ARG F 78 0.37 13.04 38.55
CA ARG F 78 -0.92 13.70 38.76
C ARG F 78 -1.23 14.74 37.71
N ASP F 79 -2.51 14.94 37.43
CA ASP F 79 -3.00 15.97 36.53
C ASP F 79 -2.20 16.15 35.27
N GLU F 80 -1.63 17.30 34.95
CA GLU F 80 -0.90 17.49 33.70
C GLU F 80 0.28 16.57 33.45
N GLU F 81 0.86 15.96 34.47
CA GLU F 81 1.90 14.97 34.21
C GLU F 81 1.32 13.74 33.49
N VAL F 82 0.03 13.37 33.59
CA VAL F 82 -0.31 12.07 32.98
C VAL F 82 -0.44 12.11 31.48
N PRO F 83 -1.05 13.11 30.88
CA PRO F 83 -1.10 13.26 29.42
C PRO F 83 0.31 13.35 28.87
N ALA F 84 1.17 14.13 29.52
CA ALA F 84 2.57 14.21 29.10
C ALA F 84 3.23 12.83 29.11
N LEU F 85 3.08 12.07 30.20
CA LEU F 85 3.68 10.75 30.24
C LEU F 85 3.11 9.89 29.09
N PHE F 86 1.79 9.93 28.86
CA PHE F 86 1.17 9.05 27.88
C PHE F 86 1.55 9.40 26.43
N THR F 87 2.01 10.61 26.18
CA THR F 87 2.49 11.08 24.90
C THR F 87 3.90 10.58 24.66
N ASN F 88 4.04 9.34 24.19
CA ASN F 88 5.34 8.75 23.95
C ASN F 88 5.21 7.85 22.73
N LYS F 89 6.29 7.21 22.29
CA LYS F 89 6.20 6.41 21.06
C LYS F 89 6.55 4.98 21.37
N ILE F 90 6.60 4.66 22.66
CA ILE F 90 6.93 3.29 23.06
C ILE F 90 5.67 2.48 23.23
N SER F 91 4.62 3.12 23.75
CA SER F 91 3.36 2.43 23.99
C SER F 91 2.19 3.01 23.25
N PRO F 92 1.77 2.34 22.18
CA PRO F 92 0.66 2.84 21.36
C PRO F 92 -0.62 2.98 22.16
N HIS F 93 -0.89 2.01 23.06
CA HIS F 93 -2.16 2.17 23.80
C HIS F 93 -2.10 3.37 24.71
N GLN F 94 -0.92 3.82 25.18
CA GLN F 94 -0.89 5.04 26.02
C GLN F 94 -1.13 6.28 25.21
N LEU F 95 -0.61 6.26 23.97
CA LEU F 95 -0.83 7.37 23.04
C LEU F 95 -2.31 7.45 22.68
N GLY F 96 -3.00 6.29 22.53
CA GLY F 96 -4.46 6.44 22.30
C GLY F 96 -5.16 7.05 23.51
N LEU F 97 -4.73 6.75 24.74
CA LEU F 97 -5.29 7.35 25.95
C LEU F 97 -4.98 8.84 26.02
N ALA F 98 -3.82 9.26 25.51
CA ALA F 98 -3.50 10.68 25.43
C ALA F 98 -4.45 11.34 24.41
N ASP F 99 -4.87 10.62 23.36
CA ASP F 99 -5.82 11.24 22.43
C ASP F 99 -7.16 11.40 23.11
N VAL F 100 -7.59 10.37 23.84
CA VAL F 100 -8.86 10.50 24.57
C VAL F 100 -8.83 11.71 25.50
N LEU F 101 -7.74 11.87 26.26
CA LEU F 101 -7.66 13.01 27.18
C LEU F 101 -7.75 14.32 26.43
N SER F 102 -7.10 14.47 25.28
CA SER F 102 -7.22 15.70 24.48
C SER F 102 -8.64 15.99 24.03
N ALA F 103 -9.33 14.94 23.59
CA ALA F 103 -10.73 15.08 23.21
C ALA F 103 -11.56 15.68 24.34
N LEU F 104 -11.44 15.11 25.53
CA LEU F 104 -12.10 15.57 26.76
C LEU F 104 -11.78 17.01 27.14
N ARG F 105 -10.55 17.42 26.89
CA ARG F 105 -10.13 18.79 27.18
C ARG F 105 -10.87 19.71 26.23
N PHE F 106 -10.96 19.29 24.97
CA PHE F 106 -11.63 20.04 23.92
C PHE F 106 -13.09 20.25 24.23
N THR F 107 -13.76 19.23 24.76
CA THR F 107 -15.16 19.34 25.09
C THR F 107 -15.48 19.78 26.52
N GLY F 108 -14.47 20.22 27.27
CA GLY F 108 -14.70 20.71 28.63
C GLY F 108 -15.18 19.61 29.56
N GLU F 109 -14.70 18.37 29.39
CA GLU F 109 -15.12 17.29 30.25
C GLU F 109 -13.96 16.52 30.85
N PHE F 110 -12.81 17.17 30.88
CA PHE F 110 -11.58 16.67 31.42
C PHE F 110 -11.80 16.44 32.91
N PRO F 111 -11.27 15.33 33.43
CA PRO F 111 -11.41 15.01 34.84
C PRO F 111 -10.95 16.18 35.71
N LYS F 112 -11.68 16.44 36.78
CA LYS F 112 -11.26 17.49 37.72
C LYS F 112 -9.92 17.13 38.35
N LYS F 113 -9.75 15.85 38.67
CA LYS F 113 -8.54 15.37 39.30
C LYS F 113 -8.08 14.13 38.58
N LEU F 114 -6.80 14.00 38.27
CA LEU F 114 -6.33 12.77 37.58
C LEU F 114 -5.16 12.18 38.33
N THR F 115 -5.15 10.90 38.63
CA THR F 115 -4.02 10.29 39.30
C THR F 115 -3.62 9.03 38.55
N LEU F 116 -2.35 8.91 38.16
CA LEU F 116 -1.90 7.66 37.59
C LEU F 116 -1.05 6.90 38.58
N VAL F 117 -1.33 5.63 38.84
CA VAL F 117 -0.42 4.88 39.70
C VAL F 117 0.18 3.79 38.78
N GLY F 118 1.48 3.95 38.59
CA GLY F 118 2.23 3.19 37.62
C GLY F 118 3.35 2.40 38.19
N VAL F 119 3.59 1.22 37.53
CA VAL F 119 4.73 0.42 38.03
C VAL F 119 5.54 -0.01 36.79
N ILE F 120 6.87 0.13 36.94
CA ILE F 120 7.75 -0.21 35.83
C ILE F 120 7.94 -1.71 35.81
N PRO F 121 7.68 -2.28 34.63
CA PRO F 121 7.73 -3.73 34.42
C PRO F 121 9.16 -4.28 34.40
N GLU F 122 9.25 -5.58 34.67
CA GLU F 122 10.52 -6.28 34.57
C GLU F 122 10.54 -6.96 33.19
N SER F 123 9.47 -7.65 32.82
CA SER F 123 9.39 -8.32 31.53
C SER F 123 8.09 -8.00 30.78
N LEU F 124 8.20 -7.86 29.46
CA LEU F 124 7.08 -7.61 28.58
C LEU F 124 6.88 -8.73 27.55
N GLU F 125 7.37 -9.93 27.85
CA GLU F 125 7.21 -11.08 26.96
C GLU F 125 5.77 -11.55 26.83
N PRO F 126 5.46 -12.19 25.70
CA PRO F 126 4.17 -12.83 25.47
C PRO F 126 3.97 -13.94 26.50
N HIS F 127 3.09 -13.74 27.47
CA HIS F 127 2.91 -14.74 28.53
C HIS F 127 1.90 -14.23 29.56
N ILE F 128 1.08 -15.13 30.09
CA ILE F 128 0.11 -14.73 31.11
C ILE F 128 0.73 -15.00 32.49
N GLY F 129 0.97 -13.93 33.23
CA GLY F 129 1.56 -14.15 34.57
C GLY F 129 2.58 -13.05 34.84
N LEU F 130 2.50 -12.45 36.03
CA LEU F 130 3.40 -11.36 36.36
C LEU F 130 4.70 -11.97 36.87
N THR F 131 5.71 -11.15 36.77
CA THR F 131 7.04 -11.52 37.30
C THR F 131 6.90 -11.38 38.80
N PRO F 132 7.69 -12.09 39.59
CA PRO F 132 7.63 -12.00 41.03
C PRO F 132 7.86 -10.58 41.54
N THR F 133 8.74 -9.84 40.87
CA THR F 133 9.06 -8.50 41.35
C THR F 133 7.91 -7.54 41.08
N VAL F 134 7.07 -7.74 40.09
CA VAL F 134 5.96 -6.83 39.84
C VAL F 134 4.72 -7.26 40.61
N GLU F 135 4.62 -8.58 40.84
CA GLU F 135 3.52 -9.16 41.57
C GLU F 135 3.59 -8.71 43.04
N ALA F 136 4.76 -8.49 43.59
CA ALA F 136 4.92 -8.00 44.95
C ALA F 136 4.42 -6.57 45.08
N MET F 137 4.32 -5.81 44.02
CA MET F 137 3.89 -4.42 44.01
C MET F 137 2.38 -4.26 43.90
N ILE F 138 1.62 -5.34 43.82
CA ILE F 138 0.16 -5.18 43.77
C ILE F 138 -0.39 -4.54 45.04
N GLU F 139 0.05 -4.99 46.21
CA GLU F 139 -0.43 -4.48 47.51
C GLU F 139 -0.11 -3.02 47.79
N PRO F 140 1.16 -2.63 47.61
CA PRO F 140 1.53 -1.23 47.66
C PRO F 140 0.73 -0.41 46.66
N ALA F 141 0.54 -0.91 45.41
CA ALA F 141 -0.14 -0.10 44.40
C ALA F 141 -1.61 0.12 44.77
N LEU F 142 -2.20 -0.94 45.31
CA LEU F 142 -3.56 -0.93 45.78
C LEU F 142 -3.73 0.02 46.98
N GLU F 143 -2.79 0.09 47.90
CA GLU F 143 -2.82 1.13 48.94
C GLU F 143 -2.76 2.52 48.33
N GLN F 144 -2.00 2.70 47.22
CA GLN F 144 -1.98 4.03 46.62
C GLN F 144 -3.34 4.35 46.01
N VAL F 145 -4.01 3.38 45.37
CA VAL F 145 -5.30 3.84 44.80
C VAL F 145 -6.27 4.10 45.94
N LEU F 146 -6.24 3.37 47.05
CA LEU F 146 -7.09 3.64 48.21
C LEU F 146 -6.81 5.01 48.83
N ALA F 147 -5.51 5.40 48.90
CA ALA F 147 -5.22 6.80 49.32
C ALA F 147 -5.69 7.85 48.36
N ALA F 148 -5.59 7.66 47.03
CA ALA F 148 -6.14 8.68 46.12
C ALA F 148 -7.68 8.75 46.25
N LEU F 149 -8.35 7.64 46.40
CA LEU F 149 -9.79 7.57 46.64
C LEU F 149 -10.22 8.33 47.89
N ARG F 150 -9.54 8.07 49.01
CA ARG F 150 -9.71 8.71 50.32
C ARG F 150 -9.51 10.19 50.22
N GLU F 151 -8.55 10.66 49.41
CA GLU F 151 -8.38 12.09 49.12
C GLU F 151 -9.62 12.72 48.51
N SER F 152 -10.50 11.91 47.87
CA SER F 152 -11.72 12.49 47.31
C SER F 152 -12.88 12.20 48.24
N GLY F 153 -12.58 11.66 49.43
CA GLY F 153 -13.56 11.43 50.49
C GLY F 153 -14.17 10.06 50.46
N VAL F 154 -13.62 9.08 49.70
CA VAL F 154 -14.25 7.76 49.79
C VAL F 154 -13.42 6.83 50.65
N GLU F 155 -14.10 6.11 51.54
CA GLU F 155 -13.35 5.17 52.39
C GLU F 155 -13.78 3.79 51.89
N ALA F 156 -12.79 2.93 51.76
CA ALA F 156 -13.01 1.63 51.16
C ALA F 156 -13.03 0.68 52.34
N ILE F 157 -13.92 -0.31 52.34
CA ILE F 157 -13.92 -1.20 53.48
C ILE F 157 -13.47 -2.56 53.00
N PRO F 158 -12.55 -3.16 53.71
CA PRO F 158 -12.08 -4.49 53.36
C PRO F 158 -13.30 -5.38 53.43
N ARG F 159 -13.44 -6.35 52.55
CA ARG F 159 -14.50 -7.31 52.60
C ARG F 159 -14.35 -8.26 53.78
N SER F 160 -13.20 -8.40 54.38
CA SER F 160 -12.96 -9.26 55.52
C SER F 160 -13.66 -8.63 56.74
N ASP F 161 -13.98 -7.35 56.78
CA ASP F 161 -14.63 -6.66 57.86
C ASP F 161 -16.14 -6.65 57.57
N SER F 162 -16.62 -7.81 57.15
CA SER F 162 -18.02 -7.88 56.70
C SER F 162 -18.65 -9.14 57.22
CD CD G . 11.42 -15.99 -4.92
CD CD H . 37.00 -8.39 -34.16
CD CD I . -21.45 4.84 4.69
CD CD J . -1.61 27.45 -20.42
CD CD K . -18.92 -31.67 19.76
CD CD L . 0.20 -0.08 29.38
#